data_4RO8
# 
_entry.id   4RO8 
# 
_audit_conform.dict_name       mmcif_pdbx.dic 
_audit_conform.dict_version    5.379 
_audit_conform.dict_location   http://mmcif.pdb.org/dictionaries/ascii/mmcif_pdbx.dic 
# 
loop_
_database_2.database_id 
_database_2.database_code 
_database_2.pdbx_database_accession 
_database_2.pdbx_DOI 
PDB   4RO8         pdb_00004ro8 10.2210/pdb4ro8/pdb 
NDB   NA3264       ?            ?                   
RCSB  RCSB087589   ?            ?                   
WWPDB D_1000087589 ?            ?                   
# 
loop_
_pdbx_database_related.db_name 
_pdbx_database_related.db_id 
_pdbx_database_related.details 
_pdbx_database_related.content_type 
PDB 4RNK 'Sequence and structure of a self-assembled 3-D DNA crystal: D(GGAAAATTTGGAG)' unspecified 
PDB 1P1Y 'Crystal structure of a continuous three-dimensional DNA lattice.'             unspecified 
PDB 4RO4 .                                                                              unspecified 
PDB 4RO7 .                                                                              unspecified 
PDB 4ROG .                                                                              unspecified 
PDB 4ROK .                                                                              unspecified 
PDB 4RON .                                                                              unspecified 
PDB 4ROO .                                                                              unspecified 
# 
_pdbx_database_status.status_code                     REL 
_pdbx_database_status.entry_id                        4RO8 
_pdbx_database_status.recvd_initial_deposition_date   2014-10-28 
_pdbx_database_status.deposit_site                    RCSB 
_pdbx_database_status.process_site                    RCSB 
_pdbx_database_status.status_code_sf                  REL 
_pdbx_database_status.status_code_mr                  ? 
_pdbx_database_status.SG_entry                        ? 
_pdbx_database_status.status_code_cs                  ? 
_pdbx_database_status.methods_development_category    ? 
_pdbx_database_status.pdb_format_compatible           Y 
_pdbx_database_status.status_code_nmr_data            ? 
# 
loop_
_audit_author.name 
_audit_author.pdbx_ordinal 
'Saoji, M.M.'      1 
'Paukstelis, P.J.' 2 
# 
loop_
_citation.id 
_citation.title 
_citation.journal_abbrev 
_citation.journal_volume 
_citation.page_first 
_citation.page_last 
_citation.year 
_citation.journal_id_ASTM 
_citation.country 
_citation.journal_id_ISSN 
_citation.journal_id_CSD 
_citation.book_publisher 
_citation.pdbx_database_id_PubMed 
_citation.pdbx_database_id_DOI 
primary 'Probing the role of sequence in the assembly of three-dimensional DNA crystals.' Biopolymers 103 618  626  2015 BIPMAA US 
0006-3525 0161 ? 26015367 10.1002/bip.22688              
1       'Crystal structure of a continuous three-dimensional DNA lattice.'                Chem.Biol.  11  1119 1126 2004 CBOLE2 UK 
1074-5521 2050 ? 15324813 10.1016/j.chembiol.2004.05.021 
# 
loop_
_citation_author.citation_id 
_citation_author.name 
_citation_author.ordinal 
_citation_author.identifier_ORCID 
primary 'Saoji, M.'        1 ? 
primary 'Zhang, D.'        2 ? 
primary 'Paukstelis, P.J.' 3 ? 
1       'Paukstelis, P.J.' 4 ? 
1       'Nowakowski, J.'   5 ? 
1       'Birktoft, J.J.'   6 ? 
1       'Seeman, N.C.'     7 ? 
# 
_cell.entry_id           4RO8 
_cell.length_a           40.232 
_cell.length_b           40.232 
_cell.length_c           52.910 
_cell.angle_alpha        90.00 
_cell.angle_beta         90.00 
_cell.angle_gamma        120.00 
_cell.Z_PDB              6 
_cell.pdbx_unique_axis   ? 
_cell.length_a_esd       ? 
_cell.length_b_esd       ? 
_cell.length_c_esd       ? 
_cell.angle_alpha_esd    ? 
_cell.angle_beta_esd     ? 
_cell.angle_gamma_esd    ? 
# 
_symmetry.entry_id                         4RO8 
_symmetry.space_group_name_H-M             'P 64' 
_symmetry.pdbx_full_space_group_name_H-M   ? 
_symmetry.cell_setting                     ? 
_symmetry.Int_Tables_number                172 
_symmetry.space_group_name_Hall            ? 
# 
loop_
_entity.id 
_entity.type 
_entity.src_method 
_entity.pdbx_description 
_entity.formula_weight 
_entity.pdbx_number_of_molecules 
_entity.pdbx_ec 
_entity.pdbx_mutation 
_entity.pdbx_fragment 
_entity.details 
1 polymer     syn 'D(GGAATCGATGGAG)' 4080.672 1 ? ? ? ? 
2 non-polymer syn 'MAGNESIUM ION'    24.305   1 ? ? ? ? 
3 water       nat water              18.015   7 ? ? ? ? 
# 
_entity_poly.entity_id                      1 
_entity_poly.type                           polydeoxyribonucleotide 
_entity_poly.nstd_linkage                   no 
_entity_poly.nstd_monomer                   no 
_entity_poly.pdbx_seq_one_letter_code       '(DG)(DG)(DA)(DA)(DT)(DC)(DG)(DA)(DT)(DG)(DG)(DA)(DG)' 
_entity_poly.pdbx_seq_one_letter_code_can   GGAATCGATGGAG 
_entity_poly.pdbx_strand_id                 A 
_entity_poly.pdbx_target_identifier         ? 
# 
loop_
_entity_poly_seq.entity_id 
_entity_poly_seq.num 
_entity_poly_seq.mon_id 
_entity_poly_seq.hetero 
1 1  DG n 
1 2  DG n 
1 3  DA n 
1 4  DA n 
1 5  DT n 
1 6  DC n 
1 7  DG n 
1 8  DA n 
1 9  DT n 
1 10 DG n 
1 11 DG n 
1 12 DA n 
1 13 DG n 
# 
_pdbx_entity_src_syn.entity_id              1 
_pdbx_entity_src_syn.pdbx_src_id            1 
_pdbx_entity_src_syn.pdbx_alt_source_flag   sample 
_pdbx_entity_src_syn.pdbx_beg_seq_num       ? 
_pdbx_entity_src_syn.pdbx_end_seq_num       ? 
_pdbx_entity_src_syn.organism_scientific    ? 
_pdbx_entity_src_syn.organism_common_name   ? 
_pdbx_entity_src_syn.ncbi_taxonomy_id       ? 
_pdbx_entity_src_syn.details                'DNA molecule synthesized on a DNA synthesizer.' 
# 
_struct_ref.id                         1 
_struct_ref.db_name                    PDB 
_struct_ref.db_code                    4RO8 
_struct_ref.pdbx_db_accession          4RO8 
_struct_ref.entity_id                  1 
_struct_ref.pdbx_align_begin           ? 
_struct_ref.pdbx_seq_one_letter_code   GGAATCGATGGAG 
_struct_ref.pdbx_db_isoform            ? 
# 
_struct_ref_seq.align_id                      1 
_struct_ref_seq.ref_id                        1 
_struct_ref_seq.pdbx_PDB_id_code              4RO8 
_struct_ref_seq.pdbx_strand_id                A 
_struct_ref_seq.seq_align_beg                 1 
_struct_ref_seq.pdbx_seq_align_beg_ins_code   ? 
_struct_ref_seq.seq_align_end                 13 
_struct_ref_seq.pdbx_seq_align_end_ins_code   ? 
_struct_ref_seq.pdbx_db_accession             4RO8 
_struct_ref_seq.db_align_beg                  1 
_struct_ref_seq.pdbx_db_align_beg_ins_code    ? 
_struct_ref_seq.db_align_end                  13 
_struct_ref_seq.pdbx_db_align_end_ins_code    ? 
_struct_ref_seq.pdbx_auth_seq_align_beg       1 
_struct_ref_seq.pdbx_auth_seq_align_end       13 
# 
loop_
_chem_comp.id 
_chem_comp.type 
_chem_comp.mon_nstd_flag 
_chem_comp.name 
_chem_comp.pdbx_synonyms 
_chem_comp.formula 
_chem_comp.formula_weight 
DA  'DNA linking' y "2'-DEOXYADENOSINE-5'-MONOPHOSPHATE" ? 'C10 H14 N5 O6 P' 331.222 
DC  'DNA linking' y "2'-DEOXYCYTIDINE-5'-MONOPHOSPHATE"  ? 'C9 H14 N3 O7 P'  307.197 
DG  'DNA linking' y "2'-DEOXYGUANOSINE-5'-MONOPHOSPHATE" ? 'C10 H14 N5 O7 P' 347.221 
DT  'DNA linking' y "THYMIDINE-5'-MONOPHOSPHATE"         ? 'C10 H15 N2 O8 P' 322.208 
HOH non-polymer   . WATER                                ? 'H2 O'            18.015  
MG  non-polymer   . 'MAGNESIUM ION'                      ? 'Mg 2'            24.305  
# 
_exptl.entry_id          4RO8 
_exptl.method            'X-RAY DIFFRACTION' 
_exptl.crystals_number   1 
# 
_exptl_crystal.id                    1 
_exptl_crystal.density_meas          ? 
_exptl_crystal.density_Matthews      3.03 
_exptl_crystal.density_percent_sol   59.39 
_exptl_crystal.description           ? 
_exptl_crystal.F_000                 ? 
_exptl_crystal.preparation           ? 
# 
_exptl_crystal_grow.crystal_id      1 
_exptl_crystal_grow.method          EVAPORATION 
_exptl_crystal_grow.temp            298 
_exptl_crystal_grow.temp_details    ? 
_exptl_crystal_grow.pH              ? 
_exptl_crystal_grow.pdbx_details    
'120mM Magnesium Formate, 50mM Lithium Chloride, 10% MPD, pH none, EVAPORATION, temperature 298K' 
_exptl_crystal_grow.pdbx_pH_range   none 
# 
_diffrn.id                     1 
_diffrn.ambient_temp           100 
_diffrn.ambient_temp_details   ? 
_diffrn.crystal_id             1 
# 
_diffrn_detector.diffrn_id              1 
_diffrn_detector.detector               PIXEL 
_diffrn_detector.type                   'DECTRIS PILATUS 6M-F' 
_diffrn_detector.pdbx_collection_date   2014-06-29 
_diffrn_detector.details                ? 
# 
_diffrn_radiation.diffrn_id                        1 
_diffrn_radiation.wavelength_id                    1 
_diffrn_radiation.pdbx_monochromatic_or_laue_m_l   M 
_diffrn_radiation.monochromator                    'Si(111)' 
_diffrn_radiation.pdbx_diffrn_protocol             'SINGLE WAVELENGTH' 
_diffrn_radiation.pdbx_scattering_type             x-ray 
# 
_diffrn_radiation_wavelength.id           1 
_diffrn_radiation_wavelength.wavelength   0.979200 
_diffrn_radiation_wavelength.wt           1.0 
# 
_diffrn_source.diffrn_id                   1 
_diffrn_source.source                      SYNCHROTRON 
_diffrn_source.type                        'APS BEAMLINE 24-ID-C' 
_diffrn_source.pdbx_synchrotron_site       APS 
_diffrn_source.pdbx_synchrotron_beamline   24-ID-C 
_diffrn_source.pdbx_wavelength             ? 
_diffrn_source.pdbx_wavelength_list        0.979200 
# 
_reflns.entry_id                     4RO8 
_reflns.observed_criterion_sigma_I   0 
_reflns.observed_criterion_sigma_F   0 
_reflns.d_resolution_low             52.91 
_reflns.d_resolution_high            2.08 
_reflns.number_obs                   2873 
_reflns.number_all                   ? 
_reflns.percent_possible_obs         ? 
_reflns.pdbx_Rmerge_I_obs            0.021 
_reflns.pdbx_Rsym_value              ? 
_reflns.pdbx_netI_over_sigmaI        26.2 
_reflns.B_iso_Wilson_estimate        ? 
_reflns.pdbx_redundancy              3.1 
_reflns.R_free_details               ? 
_reflns.limit_h_max                  ? 
_reflns.limit_h_min                  ? 
_reflns.limit_k_max                  ? 
_reflns.limit_k_min                  ? 
_reflns.limit_l_max                  ? 
_reflns.limit_l_min                  ? 
_reflns.observed_criterion_F_max     ? 
_reflns.observed_criterion_F_min     ? 
_reflns.pdbx_chi_squared             ? 
_reflns.pdbx_scaling_rejects         ? 
_reflns.pdbx_ordinal                 1 
_reflns.pdbx_diffrn_id               1 
# 
_reflns_shell.d_res_high             2.08 
_reflns_shell.d_res_low              2.19 
_reflns_shell.percent_possible_all   ? 
_reflns_shell.Rmerge_I_obs           0.408 
_reflns_shell.pdbx_Rsym_value        ? 
_reflns_shell.meanI_over_sigI_obs    1.7 
_reflns_shell.pdbx_redundancy        1.8 
_reflns_shell.percent_possible_obs   ? 
_reflns_shell.number_unique_all      347 
_reflns_shell.number_measured_all    ? 
_reflns_shell.number_measured_obs    ? 
_reflns_shell.number_unique_obs      ? 
_reflns_shell.pdbx_chi_squared       ? 
_reflns_shell.pdbx_ordinal           1 
_reflns_shell.pdbx_diffrn_id         1 
# 
_refine.entry_id                                 4RO8 
_refine.ls_number_reflns_obs                     2574 
_refine.ls_number_reflns_all                     ? 
_refine.pdbx_ls_sigma_I                          ? 
_refine.pdbx_ls_sigma_F                          . 
_refine.pdbx_data_cutoff_high_absF               ? 
_refine.pdbx_data_cutoff_low_absF                ? 
_refine.pdbx_data_cutoff_high_rms_absF           ? 
_refine.ls_d_res_low                             34.84 
_refine.ls_d_res_high                            2.08 
_refine.ls_percent_reflns_obs                    95.37 
_refine.ls_R_factor_obs                          0.22918 
_refine.ls_R_factor_all                          ? 
_refine.ls_R_factor_R_work                       0.22542 
_refine.ls_R_factor_R_free                       0.26571 
_refine.ls_R_factor_R_free_error                 ? 
_refine.ls_R_factor_R_free_error_details         ? 
_refine.ls_percent_reflns_R_free                 9.5 
_refine.ls_number_reflns_R_free                  271 
_refine.ls_number_parameters                     ? 
_refine.ls_number_restraints                     ? 
_refine.occupancy_min                            ? 
_refine.occupancy_max                            ? 
_refine.correlation_coeff_Fo_to_Fc               0.969 
_refine.correlation_coeff_Fo_to_Fc_free          0.952 
_refine.B_iso_mean                               77.986 
_refine.aniso_B[1][1]                            -1.54 
_refine.aniso_B[2][2]                            -1.54 
_refine.aniso_B[3][3]                            5.01 
_refine.aniso_B[1][2]                            -0.77 
_refine.aniso_B[1][3]                            -0.00 
_refine.aniso_B[2][3]                            0.00 
_refine.solvent_model_details                    MASK 
_refine.solvent_model_param_ksol                 ? 
_refine.solvent_model_param_bsol                 ? 
_refine.pdbx_solvent_vdw_probe_radii             1.30 
_refine.pdbx_solvent_ion_probe_radii             1.10 
_refine.pdbx_solvent_shrinkage_radii             1.10 
_refine.pdbx_ls_cross_valid_method               THROUGHOUT 
_refine.details                                  'HYDROGENS HAVE BEEN ADDED IN THE RIDING POSITIONS' 
_refine.pdbx_starting_model                      'PDB ENTRY 1P1Y' 
_refine.pdbx_method_to_determine_struct          'MOLECULAR REPLACEMENT' 
_refine.pdbx_isotropic_thermal_model             ? 
_refine.pdbx_stereochemistry_target_values       'MAXIMUM LIKELIHOOD' 
_refine.pdbx_stereochem_target_val_spec_case     ? 
_refine.pdbx_R_Free_selection_details            RANDOM 
_refine.pdbx_overall_ESU_R                       0.204 
_refine.pdbx_overall_ESU_R_Free                  0.185 
_refine.overall_SU_ML                            0.228 
_refine.pdbx_overall_phase_error                 ? 
_refine.overall_SU_B                             21.241 
_refine.overall_SU_R_Cruickshank_DPI             ? 
_refine.ls_redundancy_reflns_obs                 ? 
_refine.B_iso_min                                ? 
_refine.B_iso_max                                ? 
_refine.overall_SU_R_free                        ? 
_refine.ls_wR_factor_R_free                      ? 
_refine.ls_wR_factor_R_work                      ? 
_refine.overall_FOM_free_R_set                   ? 
_refine.overall_FOM_work_R_set                   ? 
_refine.pdbx_diffrn_id                           1 
_refine.pdbx_refine_id                           'X-RAY DIFFRACTION' 
_refine.pdbx_TLS_residual_ADP_flag               ? 
_refine.pdbx_overall_SU_R_free_Cruickshank_DPI   ? 
_refine.pdbx_overall_SU_R_Blow_DPI               ? 
_refine.pdbx_overall_SU_R_free_Blow_DPI          ? 
# 
_refine_hist.pdbx_refine_id                   'X-RAY DIFFRACTION' 
_refine_hist.cycle_id                         LAST 
_refine_hist.pdbx_number_atoms_protein        0 
_refine_hist.pdbx_number_atoms_nucleic_acid   254 
_refine_hist.pdbx_number_atoms_ligand         1 
_refine_hist.number_atoms_solvent             7 
_refine_hist.number_atoms_total               262 
_refine_hist.d_res_high                       2.08 
_refine_hist.d_res_low                        34.84 
# 
loop_
_refine_ls_restr.type 
_refine_ls_restr.dev_ideal 
_refine_ls_restr.dev_ideal_target 
_refine_ls_restr.weight 
_refine_ls_restr.number 
_refine_ls_restr.pdbx_restraint_function 
_refine_ls_restr.pdbx_refine_id 
r_bond_refined_d       0.006 0.011  ? 286 ? 'X-RAY DIFFRACTION' 
r_bond_other_d         0.002 0.020  ? 135 ? 'X-RAY DIFFRACTION' 
r_angle_refined_deg    1.226 1.155  ? 442 ? 'X-RAY DIFFRACTION' 
r_angle_other_deg      1.689 3.000  ? 319 ? 'X-RAY DIFFRACTION' 
r_chiral_restr         0.058 0.200  ? 36  ? 'X-RAY DIFFRACTION' 
r_gen_planes_refined   0.009 0.020  ? 151 ? 'X-RAY DIFFRACTION' 
r_gen_planes_other     0.001 0.020  ? 62  ? 'X-RAY DIFFRACTION' 
r_scbond_it            1.684 3.370  ? 284 ? 'X-RAY DIFFRACTION' 
r_scbond_other         1.678 3.356  ? 282 ? 'X-RAY DIFFRACTION' 
r_scangle_other        2.837 5.056  ? 439 ? 'X-RAY DIFFRACTION' 
r_long_range_B_refined 4.236 33.174 ? 418 ? 'X-RAY DIFFRACTION' 
r_long_range_B_other   4.226 32.993 ? 417 ? 'X-RAY DIFFRACTION' 
# 
_refine_ls_shell.pdbx_total_number_of_bins_used   20 
_refine_ls_shell.d_res_high                       2.077 
_refine_ls_shell.d_res_low                        2.131 
_refine_ls_shell.number_reflns_R_work             149 
_refine_ls_shell.R_factor_R_work                  0.620 
_refine_ls_shell.percent_reflns_obs               71.74 
_refine_ls_shell.R_factor_R_free                  0.692 
_refine_ls_shell.R_factor_R_free_error            ? 
_refine_ls_shell.percent_reflns_R_free            ? 
_refine_ls_shell.number_reflns_R_free             16 
_refine_ls_shell.number_reflns_all                ? 
_refine_ls_shell.R_factor_all                     ? 
_refine_ls_shell.number_reflns_obs                ? 
_refine_ls_shell.redundancy_reflns_obs            ? 
_refine_ls_shell.pdbx_refine_id                   'X-RAY DIFFRACTION' 
# 
_struct.entry_id                  4RO8 
_struct.title                     'Sequence and structure of a self-assembled 3-D DNA crystal: D(GGAATCGATGGAG)' 
_struct.pdbx_model_details        ? 
_struct.pdbx_CASP_flag            ? 
_struct.pdbx_model_type_details   ? 
# 
_struct_keywords.entry_id        4RO8 
_struct_keywords.pdbx_keywords   DNA 
_struct_keywords.text            'Self assembling 3D DNA crystal, DNA' 
# 
loop_
_struct_asym.id 
_struct_asym.pdbx_blank_PDB_chainid_flag 
_struct_asym.pdbx_modified 
_struct_asym.entity_id 
_struct_asym.details 
A N N 1 ? 
B N N 2 ? 
C N N 3 ? 
# 
_struct_biol.id        1 
_struct_biol.details   ? 
# 
loop_
_struct_conn.id 
_struct_conn.conn_type_id 
_struct_conn.pdbx_leaving_atom_flag 
_struct_conn.pdbx_PDB_id 
_struct_conn.ptnr1_label_asym_id 
_struct_conn.ptnr1_label_comp_id 
_struct_conn.ptnr1_label_seq_id 
_struct_conn.ptnr1_label_atom_id 
_struct_conn.pdbx_ptnr1_label_alt_id 
_struct_conn.pdbx_ptnr1_PDB_ins_code 
_struct_conn.pdbx_ptnr1_standard_comp_id 
_struct_conn.ptnr1_symmetry 
_struct_conn.ptnr2_label_asym_id 
_struct_conn.ptnr2_label_comp_id 
_struct_conn.ptnr2_label_seq_id 
_struct_conn.ptnr2_label_atom_id 
_struct_conn.pdbx_ptnr2_label_alt_id 
_struct_conn.pdbx_ptnr2_PDB_ins_code 
_struct_conn.ptnr1_auth_asym_id 
_struct_conn.ptnr1_auth_comp_id 
_struct_conn.ptnr1_auth_seq_id 
_struct_conn.ptnr2_auth_asym_id 
_struct_conn.ptnr2_auth_comp_id 
_struct_conn.ptnr2_auth_seq_id 
_struct_conn.ptnr2_symmetry 
_struct_conn.pdbx_ptnr3_label_atom_id 
_struct_conn.pdbx_ptnr3_label_seq_id 
_struct_conn.pdbx_ptnr3_label_comp_id 
_struct_conn.pdbx_ptnr3_label_asym_id 
_struct_conn.pdbx_ptnr3_label_alt_id 
_struct_conn.pdbx_ptnr3_PDB_ins_code 
_struct_conn.details 
_struct_conn.pdbx_dist_value 
_struct_conn.pdbx_value_order 
_struct_conn.pdbx_role 
metalc1 metalc ? ? B MG . MG ? ? ? 1_555 C HOH .  O  ? ? A MG 101 A HOH 201 1_555 ? ? ? ? ? ? ?           2.126 ? ? 
metalc2 metalc ? ? B MG . MG ? ? ? 1_555 C HOH .  O  ? ? A MG 101 A HOH 202 1_555 ? ? ? ? ? ? ?           2.357 ? ? 
metalc3 metalc ? ? B MG . MG ? ? ? 1_555 C HOH .  O  ? ? A MG 101 A HOH 203 1_555 ? ? ? ? ? ? ?           2.263 ? ? 
metalc4 metalc ? ? B MG . MG ? ? ? 1_555 C HOH .  O  ? ? A MG 101 A HOH 204 1_555 ? ? ? ? ? ? ?           2.232 ? ? 
hydrog1 hydrog ? ? A DG 1 N7 ? ? ? 1_555 A DG  10 N1 ? ? A DG 1   A DG  10  5_555 ? ? ? ? ? ? TYPE_7_PAIR ?     ? ? 
hydrog2 hydrog ? ? A DG 1 O6 ? ? ? 1_555 A DG  10 N2 ? ? A DG 1   A DG  10  5_555 ? ? ? ? ? ? TYPE_7_PAIR ?     ? ? 
hydrog3 hydrog ? ? A DG 2 N2 ? ? ? 1_555 A DG  11 N3 ? ? A DG 2   A DG  11  5_555 ? ? ? ? ? ? TYPE_4_PAIR ?     ? ? 
hydrog4 hydrog ? ? A DG 2 N3 ? ? ? 1_555 A DG  11 N2 ? ? A DG 2   A DG  11  5_555 ? ? ? ? ? ? TYPE_4_PAIR ?     ? ? 
hydrog5 hydrog ? ? A DA 3 N6 ? ? ? 1_555 A DA  12 N7 ? ? A DA 3   A DA  12  5_555 ? ? ? ? ? ? TYPE_2_PAIR ?     ? ? 
hydrog6 hydrog ? ? A DA 3 N7 ? ? ? 1_555 A DA  12 N6 ? ? A DA 3   A DA  12  5_555 ? ? ? ? ? ? TYPE_2_PAIR ?     ? ? 
# 
loop_
_struct_conn_type.id 
_struct_conn_type.criteria 
_struct_conn_type.reference 
metalc ? ? 
hydrog ? ? 
# 
_struct_site.id                   AC1 
_struct_site.pdbx_evidence_code   Software 
_struct_site.pdbx_auth_asym_id    A 
_struct_site.pdbx_auth_comp_id    MG 
_struct_site.pdbx_auth_seq_id     101 
_struct_site.pdbx_auth_ins_code   ? 
_struct_site.pdbx_num_residues    5 
_struct_site.details              'BINDING SITE FOR RESIDUE MG A 101' 
# 
loop_
_struct_site_gen.id 
_struct_site_gen.site_id 
_struct_site_gen.pdbx_num_res 
_struct_site_gen.label_comp_id 
_struct_site_gen.label_asym_id 
_struct_site_gen.label_seq_id 
_struct_site_gen.pdbx_auth_ins_code 
_struct_site_gen.auth_comp_id 
_struct_site_gen.auth_asym_id 
_struct_site_gen.auth_seq_id 
_struct_site_gen.label_atom_id 
_struct_site_gen.label_alt_id 
_struct_site_gen.symmetry 
_struct_site_gen.details 
1 AC1 5 DA  A 3 ? DA  A 3   . ? 1_555 ? 
2 AC1 5 HOH C . ? HOH A 201 . ? 1_555 ? 
3 AC1 5 HOH C . ? HOH A 202 . ? 1_555 ? 
4 AC1 5 HOH C . ? HOH A 203 . ? 1_555 ? 
5 AC1 5 HOH C . ? HOH A 204 . ? 1_555 ? 
# 
_atom_sites.entry_id                    4RO8 
_atom_sites.fract_transf_matrix[1][1]   0.01305642 
_atom_sites.fract_transf_matrix[1][2]   -0.02337966 
_atom_sites.fract_transf_matrix[1][3]   -0.01032925 
_atom_sites.fract_transf_matrix[2][1]   -0.01439437 
_atom_sites.fract_transf_matrix[2][2]   -0.01818734 
_atom_sites.fract_transf_matrix[2][3]   -0.01690474 
_atom_sites.fract_transf_matrix[3][1]   0.00549376 
_atom_sites.fract_transf_matrix[3][2]   0.00978653 
_atom_sites.fract_transf_matrix[3][3]   -0.01520699 
_atom_sites.fract_transf_vector[1]      0.064569 
_atom_sites.fract_transf_vector[2]      -0.422032 
_atom_sites.fract_transf_vector[3]      -0.225329 
# 
loop_
_atom_type.symbol 
C  
MG 
N  
O  
P  
# 
loop_
_atom_site.group_PDB 
_atom_site.id 
_atom_site.type_symbol 
_atom_site.label_atom_id 
_atom_site.label_alt_id 
_atom_site.label_comp_id 
_atom_site.label_asym_id 
_atom_site.label_entity_id 
_atom_site.label_seq_id 
_atom_site.pdbx_PDB_ins_code 
_atom_site.Cartn_x 
_atom_site.Cartn_y 
_atom_site.Cartn_z 
_atom_site.occupancy 
_atom_site.B_iso_or_equiv 
_atom_site.pdbx_formal_charge 
_atom_site.auth_seq_id 
_atom_site.auth_comp_id 
_atom_site.auth_asym_id 
_atom_site.auth_atom_id 
_atom_site.pdbx_PDB_model_num 
ATOM   1   O  "O5'" . DG  A 1 1  ? 2.065   22.404  -9.540  1.00 87.23  ? 1   DG  A "O5'" 1 
ATOM   2   C  "C5'" . DG  A 1 1  ? 0.905   21.552  -9.714  1.00 83.99  ? 1   DG  A "C5'" 1 
ATOM   3   C  "C4'" . DG  A 1 1  ? 0.660   20.775  -8.444  1.00 81.65  ? 1   DG  A "C4'" 1 
ATOM   4   O  "O4'" . DG  A 1 1  ? -0.438  19.840  -8.605  1.00 78.73  ? 1   DG  A "O4'" 1 
ATOM   5   C  "C3'" . DG  A 1 1  ? 1.857   19.933  -8.017  1.00 78.88  ? 1   DG  A "C3'" 1 
ATOM   6   O  "O3'" . DG  A 1 1  ? 1.896   19.875  -6.594  1.00 81.60  ? 1   DG  A "O3'" 1 
ATOM   7   C  "C2'" . DG  A 1 1  ? 1.517   18.575  -8.583  1.00 73.97  ? 1   DG  A "C2'" 1 
ATOM   8   C  "C1'" . DG  A 1 1  ? 0.026   18.532  -8.321  1.00 73.36  ? 1   DG  A "C1'" 1 
ATOM   9   N  N9    . DG  A 1 1  ? -0.685  17.603  -9.186  1.00 69.50  ? 1   DG  A N9    1 
ATOM   10  C  C8    . DG  A 1 1  ? -1.392  16.486  -8.813  1.00 66.90  ? 1   DG  A C8    1 
ATOM   11  N  N7    . DG  A 1 1  ? -1.890  15.834  -9.828  1.00 65.40  ? 1   DG  A N7    1 
ATOM   12  C  C5    . DG  A 1 1  ? -1.476  16.558  -10.939 1.00 65.69  ? 1   DG  A C5    1 
ATOM   13  C  C6    . DG  A 1 1  ? -1.711  16.338  -12.319 1.00 65.94  ? 1   DG  A C6    1 
ATOM   14  O  O6    . DG  A 1 1  ? -2.359  15.431  -12.855 1.00 65.24  ? 1   DG  A O6    1 
ATOM   15  N  N1    . DG  A 1 1  ? -1.115  17.322  -13.102 1.00 67.95  ? 1   DG  A N1    1 
ATOM   16  C  C2    . DG  A 1 1  ? -0.364  18.369  -12.619 1.00 70.03  ? 1   DG  A C2    1 
ATOM   17  N  N2    . DG  A 1 1  ? 0.152   19.203  -13.532 1.00 72.00  ? 1   DG  A N2    1 
ATOM   18  N  N3    . DG  A 1 1  ? -0.129  18.578  -11.336 1.00 70.42  ? 1   DG  A N3    1 
ATOM   19  C  C4    . DG  A 1 1  ? -0.716  17.643  -10.558 1.00 68.35  ? 1   DG  A C4    1 
ATOM   20  P  P     . DG  A 1 2  ? 3.200   19.318  -5.839  1.00 84.85  ? 2   DG  A P     1 
ATOM   21  O  OP1   . DG  A 1 2  ? 3.154   19.800  -4.425  1.00 88.21  ? 2   DG  A OP1   1 
ATOM   22  O  OP2   . DG  A 1 2  ? 4.406   19.588  -6.694  1.00 86.00  ? 2   DG  A OP2   1 
ATOM   23  O  "O5'" . DG  A 1 2  ? 2.977   17.745  -5.832  1.00 76.89  ? 2   DG  A "O5'" 1 
ATOM   24  C  "C5'" . DG  A 1 2  ? 1.835   17.154  -5.208  1.00 72.65  ? 2   DG  A "C5'" 1 
ATOM   25  C  "C4'" . DG  A 1 2  ? 1.868   15.676  -5.492  1.00 67.69  ? 2   DG  A "C4'" 1 
ATOM   26  O  "O4'" . DG  A 1 2  ? 1.400   15.429  -6.835  1.00 64.48  ? 2   DG  A "O4'" 1 
ATOM   27  C  "C3'" . DG  A 1 2  ? 3.270   15.071  -5.428  1.00 66.81  ? 2   DG  A "C3'" 1 
ATOM   28  O  "O3'" . DG  A 1 2  ? 3.189   13.784  -4.824  1.00 66.25  ? 2   DG  A "O3'" 1 
ATOM   29  C  "C2'" . DG  A 1 2  ? 3.663   14.934  -6.883  1.00 64.51  ? 2   DG  A "C2'" 1 
ATOM   30  C  "C1'" . DG  A 1 2  ? 2.329   14.590  -7.491  1.00 62.02  ? 2   DG  A "C1'" 1 
ATOM   31  N  N9    . DG  A 1 2  ? 2.233   14.842  -8.921  1.00 60.79  ? 2   DG  A N9    1 
ATOM   32  C  C8    . DG  A 1 2  ? 2.930   15.768  -9.662  1.00 62.26  ? 2   DG  A C8    1 
ATOM   33  N  N7    . DG  A 1 2  ? 2.622   15.744  -10.931 1.00 61.80  ? 2   DG  A N7    1 
ATOM   34  C  C5    . DG  A 1 2  ? 1.687   14.722  -11.036 1.00 60.15  ? 2   DG  A C5    1 
ATOM   35  C  C6    . DG  A 1 2  ? 1.007   14.217  -12.169 1.00 60.69  ? 2   DG  A C6    1 
ATOM   36  O  O6    . DG  A 1 2  ? 1.094   14.585  -13.345 1.00 64.33  ? 2   DG  A O6    1 
ATOM   37  N  N1    . DG  A 1 2  ? 0.134   13.189  -11.826 1.00 59.47  ? 2   DG  A N1    1 
ATOM   38  C  C2    . DG  A 1 2  ? -0.039  12.691  -10.557 1.00 57.14  ? 2   DG  A C2    1 
ATOM   39  N  N2    . DG  A 1 2  ? -0.917  11.690  -10.432 1.00 55.85  ? 2   DG  A N2    1 
ATOM   40  N  N3    . DG  A 1 2  ? 0.595   13.149  -9.491  1.00 56.96  ? 2   DG  A N3    1 
ATOM   41  C  C4    . DG  A 1 2  ? 1.431   14.163  -9.802  1.00 58.41  ? 2   DG  A C4    1 
ATOM   42  P  P     . DA  A 1 3  ? 4.020   13.489  -3.498  1.00 70.31  ? 3   DA  A P     1 
ATOM   43  O  OP1   . DA  A 1 3  ? 4.070   14.740  -2.688  1.00 74.01  ? 3   DA  A OP1   1 
ATOM   44  O  OP2   . DA  A 1 3  ? 5.290   12.792  -3.890  1.00 72.44  ? 3   DA  A OP2   1 
ATOM   45  O  "O5'" . DA  A 1 3  ? 3.121   12.401  -2.775  1.00 69.58  ? 3   DA  A "O5'" 1 
ATOM   46  C  "C5'" . DA  A 1 3  ? 1.721   12.623  -2.573  1.00 70.20  ? 3   DA  A "C5'" 1 
ATOM   47  C  "C4'" . DA  A 1 3  ? 1.103   11.334  -2.099  1.00 68.36  ? 3   DA  A "C4'" 1 
ATOM   48  O  "O4'" . DA  A 1 3  ? 0.703   10.582  -3.267  1.00 65.16  ? 3   DA  A "O4'" 1 
ATOM   49  C  "C3'" . DA  A 1 3  ? 2.073   10.428  -1.345  1.00 69.37  ? 3   DA  A "C3'" 1 
ATOM   50  O  "O3'" . DA  A 1 3  ? 1.418   9.524   -0.423  1.00 73.02  ? 3   DA  A "O3'" 1 
ATOM   51  C  "C2'" . DA  A 1 3  ? 2.679   9.614   -2.474  1.00 65.94  ? 3   DA  A "C2'" 1 
ATOM   52  C  "C1'" . DA  A 1 3  ? 1.485   9.408   -3.392  1.00 62.24  ? 3   DA  A "C1'" 1 
ATOM   53  N  N9    . DA  A 1 3  ? 1.808   9.242   -4.806  1.00 60.34  ? 3   DA  A N9    1 
ATOM   54  C  C8    . DA  A 1 3  ? 2.394   10.170  -5.631  1.00 61.01  ? 3   DA  A C8    1 
ATOM   55  N  N7    . DA  A 1 3  ? 2.577   9.745   -6.859  1.00 59.87  ? 3   DA  A N7    1 
ATOM   56  C  C5    . DA  A 1 3  ? 2.056   8.458   -6.847  1.00 58.26  ? 3   DA  A C5    1 
ATOM   57  C  C6    . DA  A 1 3  ? 1.919   7.487   -7.849  1.00 59.79  ? 3   DA  A C6    1 
ATOM   58  N  N6    . DA  A 1 3  ? 2.336   7.658   -9.105  1.00 61.69  ? 3   DA  A N6    1 
ATOM   59  N  N1    . DA  A 1 3  ? 1.376   6.297   -7.504  1.00 58.73  ? 3   DA  A N1    1 
ATOM   60  C  C2    . DA  A 1 3  ? 0.975   6.123   -6.241  1.00 57.54  ? 3   DA  A C2    1 
ATOM   61  N  N3    . DA  A 1 3  ? 1.032   6.968   -5.214  1.00 57.46  ? 3   DA  A N3    1 
ATOM   62  C  C4    . DA  A 1 3  ? 1.585   8.133   -5.588  1.00 58.30  ? 3   DA  A C4    1 
ATOM   63  P  P     . DA  A 1 4  ? 1.046   9.948   1.115   1.00 78.34  ? 4   DA  A P     1 
ATOM   64  O  OP1   . DA  A 1 4  ? 0.055   8.940   1.611   1.00 78.43  ? 4   DA  A OP1   1 
ATOM   65  O  OP2   . DA  A 1 4  ? 0.741   11.416  1.171   1.00 75.71  ? 4   DA  A OP2   1 
ATOM   66  O  "O5'" . DA  A 1 4  ? 2.372   9.572   1.911   1.00 77.53  ? 4   DA  A "O5'" 1 
ATOM   67  C  "C5'" . DA  A 1 4  ? 3.486   10.460  1.976   1.00 77.27  ? 4   DA  A "C5'" 1 
ATOM   68  C  "C4'" . DA  A 1 4  ? 4.207   10.191  3.270   1.00 79.41  ? 4   DA  A "C4'" 1 
ATOM   69  O  "O4'" . DA  A 1 4  ? 3.334   10.600  4.337   1.00 81.59  ? 4   DA  A "O4'" 1 
ATOM   70  C  "C3'" . DA  A 1 4  ? 4.514   8.718   3.512   1.00 76.91  ? 4   DA  A "C3'" 1 
ATOM   71  O  "O3'" . DA  A 1 4  ? 5.902   8.488   3.304   1.00 79.52  ? 4   DA  A "O3'" 1 
ATOM   72  C  "C2'" . DA  A 1 4  ? 4.266   8.527   4.990   1.00 79.98  ? 4   DA  A "C2'" 1 
ATOM   73  C  "C1'" . DA  A 1 4  ? 3.327   9.642   5.375   1.00 81.20  ? 4   DA  A "C1'" 1 
ATOM   74  N  N9    . DA  A 1 4  ? 1.944   9.254   5.617   1.00 77.87  ? 4   DA  A N9    1 
ATOM   75  C  C8    . DA  A 1 4  ? 0.811   9.592   4.919   1.00 74.78  ? 4   DA  A C8    1 
ATOM   76  N  N7    . DA  A 1 4  ? -0.292  9.127   5.449   1.00 74.94  ? 4   DA  A N7    1 
ATOM   77  C  C5    . DA  A 1 4  ? 0.141   8.455   6.582   1.00 77.44  ? 4   DA  A C5    1 
ATOM   78  C  C6    . DA  A 1 4  ? -0.543  7.764   7.583   1.00 80.39  ? 4   DA  A C6    1 
ATOM   79  N  N6    . DA  A 1 4  ? -1.868  7.617   7.595   1.00 82.46  ? 4   DA  A N6    1 
ATOM   80  N  N1    . DA  A 1 4  ? 0.184   7.201   8.574   1.00 82.70  ? 4   DA  A N1    1 
ATOM   81  C  C2    . DA  A 1 4  ? 1.512   7.349   8.556   1.00 82.63  ? 4   DA  A C2    1 
ATOM   82  N  N3    . DA  A 1 4  ? 2.270   7.988   7.674   1.00 80.57  ? 4   DA  A N3    1 
ATOM   83  C  C4    . DA  A 1 4  ? 1.515   8.523   6.698   1.00 78.71  ? 4   DA  A C4    1 
ATOM   84  P  P     . DT  A 1 5  ? 6.414   7.062   2.825   1.00 79.33  ? 5   DT  A P     1 
ATOM   85  O  OP1   . DT  A 1 5  ? 7.796   7.247   2.292   1.00 83.51  ? 5   DT  A OP1   1 
ATOM   86  O  OP2   . DT  A 1 5  ? 5.347   6.400   2.030   1.00 72.56  ? 5   DT  A OP2   1 
ATOM   87  O  "O5'" . DT  A 1 5  ? 6.484   6.217   4.169   1.00 83.09  ? 5   DT  A "O5'" 1 
ATOM   88  C  "C5'" . DT  A 1 5  ? 7.163   6.668   5.346   1.00 89.35  ? 5   DT  A "C5'" 1 
ATOM   89  C  "C4'" . DT  A 1 5  ? 6.971   5.614   6.409   1.00 92.15  ? 5   DT  A "C4'" 1 
ATOM   90  O  "O4'" . DT  A 1 5  ? 5.588   5.615   6.849   1.00 90.31  ? 5   DT  A "O4'" 1 
ATOM   91  C  "C3'" . DT  A 1 5  ? 7.252   4.195   5.912   1.00 91.08  ? 5   DT  A "C3'" 1 
ATOM   92  O  "O3'" . DT  A 1 5  ? 7.975   3.493   6.932   1.00 99.20  ? 5   DT  A "O3'" 1 
ATOM   93  C  "C2'" . DT  A 1 5  ? 5.866   3.643   5.608   1.00 85.76  ? 5   DT  A "C2'" 1 
ATOM   94  C  "C1'" . DT  A 1 5  ? 5.000   4.331   6.656   1.00 86.85  ? 5   DT  A "C1'" 1 
ATOM   95  N  N1    . DT  A 1 5  ? 3.563   4.531   6.315   1.00 81.59  ? 5   DT  A N1    1 
ATOM   96  C  C2    . DT  A 1 5  ? 2.605   4.102   7.210   1.00 81.87  ? 5   DT  A C2    1 
ATOM   97  O  O2    . DT  A 1 5  ? 2.876   3.540   8.258   1.00 84.83  ? 5   DT  A O2    1 
ATOM   98  N  N3    . DT  A 1 5  ? 1.309   4.349   6.824   1.00 78.82  ? 5   DT  A N3    1 
ATOM   99  C  C4    . DT  A 1 5  ? 0.888   4.971   5.661   1.00 75.91  ? 5   DT  A C4    1 
ATOM   100 O  O4    . DT  A 1 5  ? -0.312  5.133   5.452   1.00 76.14  ? 5   DT  A O4    1 
ATOM   101 C  C5    . DT  A 1 5  ? 1.944   5.389   4.769   1.00 73.86  ? 5   DT  A C5    1 
ATOM   102 C  C7    . DT  A 1 5  ? 1.582   6.060   3.481   1.00 69.82  ? 5   DT  A C7    1 
ATOM   103 C  C6    . DT  A 1 5  ? 3.210   5.151   5.135   1.00 77.05  ? 5   DT  A C6    1 
ATOM   104 P  P     . DC  A 1 6  ? 8.529   2.003   6.684   1.00 100.89 ? 6   DC  A P     1 
ATOM   105 O  OP1   . DC  A 1 6  ? 9.800   1.876   7.457   1.00 107.88 ? 6   DC  A OP1   1 
ATOM   106 O  OP2   . DC  A 1 6  ? 8.512   1.728   5.220   1.00 95.47  ? 6   DC  A OP2   1 
ATOM   107 O  "O5'" . DC  A 1 6  ? 7.425   1.092   7.380   1.00 98.79  ? 6   DC  A "O5'" 1 
ATOM   108 C  "C5'" . DC  A 1 6  ? 7.236   1.150   8.806   1.00 105.27 ? 6   DC  A "C5'" 1 
ATOM   109 C  "C4'" . DC  A 1 6  ? 6.150   0.183   9.215   1.00 104.78 ? 6   DC  A "C4'" 1 
ATOM   110 O  "O4'" . DC  A 1 6  ? 4.882   0.712   8.774   1.00 99.53  ? 6   DC  A "O4'" 1 
ATOM   111 C  "C3'" . DC  A 1 6  ? 6.293   -1.209  8.592   1.00 104.37 ? 6   DC  A "C3'" 1 
ATOM   112 O  "O3'" . DC  A 1 6  ? 6.496   -2.215  9.590   1.00 114.30 ? 6   DC  A "O3'" 1 
ATOM   113 C  "C2'" . DC  A 1 6  ? 5.000   -1.436  7.826   1.00 96.87  ? 6   DC  A "C2'" 1 
ATOM   114 C  "C1'" . DC  A 1 6  ? 4.070   -0.320  8.250   1.00 94.43  ? 6   DC  A "C1'" 1 
ATOM   115 N  N1    . DC  A 1 6  ? 3.285   0.252   7.152   1.00 86.00  ? 6   DC  A N1    1 
ATOM   116 C  C2    . DC  A 1 6  ? 1.902   0.345   7.299   1.00 83.58  ? 6   DC  A C2    1 
ATOM   117 O  O2    . DC  A 1 6  ? 1.381   -0.083  8.341   1.00 86.46  ? 6   DC  A O2    1 
ATOM   118 N  N3    . DC  A 1 6  ? 1.166   0.899   6.308   1.00 78.40  ? 6   DC  A N3    1 
ATOM   119 C  C4    . DC  A 1 6  ? 1.769   1.360   5.211   1.00 77.46  ? 6   DC  A C4    1 
ATOM   120 N  N4    . DC  A 1 6  ? 1.005   1.895   4.254   1.00 75.11  ? 6   DC  A N4    1 
ATOM   121 C  C5    . DC  A 1 6  ? 3.182   1.280   5.037   1.00 78.60  ? 6   DC  A C5    1 
ATOM   122 C  C6    . DC  A 1 6  ? 3.895   0.725   6.023   1.00 82.15  ? 6   DC  A C6    1 
ATOM   123 P  P     . DG  A 1 7  ? 6.806   -3.752  9.163   1.00 118.79 ? 7   DG  A P     1 
ATOM   124 O  OP1   . DG  A 1 7  ? 8.181   -4.076  9.642   1.00 127.04 ? 7   DG  A OP1   1 
ATOM   125 O  OP2   . DG  A 1 7  ? 6.461   -3.938  7.718   1.00 110.32 ? 7   DG  A OP2   1 
ATOM   126 O  "O5'" . DG  A 1 7  ? 5.782   -4.593  10.053  1.00 116.57 ? 7   DG  A "O5'" 1 
ATOM   127 C  "C5'" . DG  A 1 7  ? 4.668   -3.969  10.730  1.00 114.62 ? 7   DG  A "C5'" 1 
ATOM   128 C  "C4'" . DG  A 1 7  ? 3.394   -4.701  10.386  1.00 109.09 ? 7   DG  A "C4'" 1 
ATOM   129 O  "O4'" . DG  A 1 7  ? 2.654   -3.968  9.375   1.00 101.61 ? 7   DG  A "O4'" 1 
ATOM   130 C  "C3'" . DG  A 1 7  ? 3.603   -6.110  9.819   1.00 107.07 ? 7   DG  A "C3'" 1 
ATOM   131 O  "O3'" . DG  A 1 7  ? 2.642   -6.966  10.447  1.00 109.47 ? 7   DG  A "O3'" 1 
ATOM   132 C  "C2'" . DG  A 1 7  ? 3.447   -5.904  8.321   1.00 99.04  ? 7   DG  A "C2'" 1 
ATOM   133 C  "C1'" . DG  A 1 7  ? 2.392   -4.815  8.265   1.00 93.82  ? 7   DG  A "C1'" 1 
ATOM   134 N  N9    . DG  A 1 7  ? 2.394   -3.988  7.065   1.00 84.95  ? 7   DG  A N9    1 
ATOM   135 C  C8    . DG  A 1 7  ? 3.455   -3.673  6.251   1.00 82.89  ? 7   DG  A C8    1 
ATOM   136 N  N7    . DG  A 1 7  ? 3.124   -2.892  5.259   1.00 78.07  ? 7   DG  A N7    1 
ATOM   137 C  C5    . DG  A 1 7  ? 1.761   -2.689  5.422   1.00 76.12  ? 7   DG  A C5    1 
ATOM   138 C  C6    . DG  A 1 7  ? 0.846   -1.919  4.654   1.00 73.48  ? 7   DG  A C6    1 
ATOM   139 O  O6    . DG  A 1 7  ? 1.065   -1.246  3.632   1.00 72.56  ? 7   DG  A O6    1 
ATOM   140 N  N1    . DG  A 1 7  ? -0.441  -1.983  5.182   1.00 72.11  ? 7   DG  A N1    1 
ATOM   141 C  C2    . DG  A 1 7  ? -0.803  -2.701  6.299   1.00 76.30  ? 7   DG  A C2    1 
ATOM   142 N  N2    . DG  A 1 7  ? -2.096  -2.641  6.653   1.00 78.36  ? 7   DG  A N2    1 
ATOM   143 N  N3    . DG  A 1 7  ? 0.045   -3.405  7.030   1.00 78.90  ? 7   DG  A N3    1 
ATOM   144 C  C4    . DG  A 1 7  ? 1.298   -3.357  6.536   1.00 79.58  ? 7   DG  A C4    1 
ATOM   145 P  P     . DA  A 1 8  ? 2.444   -8.480  9.993   1.00 109.60 ? 8   DA  A P     1 
ATOM   146 O  OP1   . DA  A 1 8  ? 2.631   -9.338  11.192  1.00 117.51 ? 8   DA  A OP1   1 
ATOM   147 O  OP2   . DA  A 1 8  ? 3.279   -8.729  8.785   1.00 106.70 ? 8   DA  A OP2   1 
ATOM   148 O  "O5'" . DA  A 1 8  ? 0.885   -8.525  9.645   1.00 104.26 ? 8   DA  A "O5'" 1 
ATOM   149 C  "C5'" . DA  A 1 8  ? -0.095  -8.052  10.600  1.00 103.65 ? 8   DA  A "C5'" 1 
ATOM   150 C  "C4'" . DA  A 1 8  ? -1.455  -7.935  9.954   1.00 99.21  ? 8   DA  A "C4'" 1 
ATOM   151 O  "O4'" . DA  A 1 8  ? -1.395  -7.004  8.848   1.00 93.15  ? 8   DA  A "O4'" 1 
ATOM   152 C  "C3'" . DA  A 1 8  ? -1.990  -9.238  9.362   1.00 98.26  ? 8   DA  A "C3'" 1 
ATOM   153 O  "O3'" . DA  A 1 8  ? -3.408  -9.305  9.586   1.00 101.34 ? 8   DA  A "O3'" 1 
ATOM   154 C  "C2'" . DA  A 1 8  ? -1.564  -9.149  7.906   1.00 91.72  ? 8   DA  A "C2'" 1 
ATOM   155 C  "C1'" . DA  A 1 8  ? -1.726  -7.664  7.627   1.00 88.21  ? 8   DA  A "C1'" 1 
ATOM   156 N  N9    . DA  A 1 8  ? -0.883  -7.103  6.561   1.00 81.08  ? 8   DA  A N9    1 
ATOM   157 C  C8    . DA  A 1 8  ? 0.463   -7.285  6.341   1.00 79.55  ? 8   DA  A C8    1 
ATOM   158 N  N7    . DA  A 1 8  ? 0.926   -6.618  5.309   1.00 75.05  ? 8   DA  A N7    1 
ATOM   159 C  C5    . DA  A 1 8  ? -0.190  -5.957  4.814   1.00 72.51  ? 8   DA  A C5    1 
ATOM   160 C  C6    . DA  A 1 8  ? -0.366  -5.086  3.723   1.00 69.14  ? 8   DA  A C6    1 
ATOM   161 N  N6    . DA  A 1 8  ? 0.620   -4.719  2.901   1.00 68.25  ? 8   DA  A N6    1 
ATOM   162 N  N1    . DA  A 1 8  ? -1.609  -4.604  3.498   1.00 67.87  ? 8   DA  A N1    1 
ATOM   163 C  C2    . DA  A 1 8  ? -2.602  -4.975  4.318   1.00 71.07  ? 8   DA  A C2    1 
ATOM   164 N  N3    . DA  A 1 8  ? -2.560  -5.785  5.378   1.00 75.77  ? 8   DA  A N3    1 
ATOM   165 C  C4    . DA  A 1 8  ? -1.311  -6.249  5.572   1.00 76.27  ? 8   DA  A C4    1 
ATOM   166 P  P     . DT  A 1 9  ? -4.276  -10.510 8.965   1.00 101.62 ? 9   DT  A P     1 
ATOM   167 O  OP1   . DT  A 1 9  ? -5.564  -10.611 9.720   1.00 103.10 ? 9   DT  A OP1   1 
ATOM   168 O  OP2   . DT  A 1 9  ? -3.392  -11.704 8.837   1.00 101.04 ? 9   DT  A OP2   1 
ATOM   169 O  "O5'" . DT  A 1 9  ? -4.595  -9.958  7.508   1.00 93.89  ? 9   DT  A "O5'" 1 
ATOM   170 C  "C5'" . DT  A 1 9  ? -5.552  -8.907  7.310   1.00 90.12  ? 9   DT  A "C5'" 1 
ATOM   171 C  "C4'" . DT  A 1 9  ? -5.742  -8.706  5.827   1.00 83.98  ? 9   DT  A "C4'" 1 
ATOM   172 O  "O4'" . DT  A 1 9  ? -4.495  -8.244  5.277   1.00 79.02  ? 9   DT  A "O4'" 1 
ATOM   173 C  "C3'" . DT  A 1 9  ? -6.078  -9.985  5.052   1.00 82.35  ? 9   DT  A "C3'" 1 
ATOM   174 O  "O3'" . DT  A 1 9  ? -7.453  -10.053 4.661   1.00 85.01  ? 9   DT  A "O3'" 1 
ATOM   175 C  "C2'" . DT  A 1 9  ? -5.192  -9.923  3.816   1.00 77.65  ? 9   DT  A "C2'" 1 
ATOM   176 C  "C1'" . DT  A 1 9  ? -4.507  -8.570  3.902   1.00 73.96  ? 9   DT  A "C1'" 1 
ATOM   177 N  N1    . DT  A 1 9  ? -3.111  -8.545  3.410   1.00 68.81  ? 9   DT  A N1    1 
ATOM   178 C  C2    . DT  A 1 9  ? -2.837  -7.757  2.318   1.00 63.87  ? 9   DT  A C2    1 
ATOM   179 O  O2    . DT  A 1 9  ? -3.687  -7.090  1.751   1.00 61.39  ? 9   DT  A O2    1 
ATOM   180 N  N3    . DT  A 1 9  ? -1.525  -7.780  1.910   1.00 63.29  ? 9   DT  A N3    1 
ATOM   181 C  C4    . DT  A 1 9  ? -0.486  -8.503  2.469   1.00 65.82  ? 9   DT  A C4    1 
ATOM   182 O  O4    . DT  A 1 9  ? 0.641   -8.440  1.979   1.00 65.67  ? 9   DT  A O4    1 
ATOM   183 C  C5    . DT  A 1 9  ? -0.848  -9.315  3.609   1.00 68.57  ? 9   DT  A C5    1 
ATOM   184 C  C7    . DT  A 1 9  ? 0.206   -10.149 4.267   1.00 71.52  ? 9   DT  A C7    1 
ATOM   185 C  C6    . DT  A 1 9  ? -2.126  -9.299  4.014   1.00 69.99  ? 9   DT  A C6    1 
ATOM   186 P  P     . DG  A 1 10 ? -8.096  -11.469 4.286   1.00 91.10  ? 10  DG  A P     1 
ATOM   187 O  OP1   . DG  A 1 10 ? -9.397  -11.616 5.002   1.00 97.01  ? 10  DG  A OP1   1 
ATOM   188 O  OP2   . DG  A 1 10 ? -7.025  -12.518 4.383   1.00 92.60  ? 10  DG  A OP2   1 
ATOM   189 O  "O5'" . DG  A 1 10 ? -8.465  -11.361 2.745   1.00 86.89  ? 10  DG  A "O5'" 1 
ATOM   190 C  "C5'" . DG  A 1 10 ? -9.056  -10.186 2.194   1.00 83.85  ? 10  DG  A "C5'" 1 
ATOM   191 C  "C4'" . DG  A 1 10 ? -8.619  -10.073 0.755   1.00 78.20  ? 10  DG  A "C4'" 1 
ATOM   192 O  "O4'" . DG  A 1 10 ? -7.194  -9.827  0.710   1.00 74.40  ? 10  DG  A "O4'" 1 
ATOM   193 C  "C3'" . DG  A 1 10 ? -8.854  -11.341 -0.066  1.00 78.03  ? 10  DG  A "C3'" 1 
ATOM   194 O  "O3'" . DG  A 1 10 ? -9.339  -10.943 -1.344  1.00 77.06  ? 10  DG  A "O3'" 1 
ATOM   195 C  "C2'" . DG  A 1 10 ? -7.474  -11.964 -0.153  1.00 75.13  ? 10  DG  A "C2'" 1 
ATOM   196 C  "C1'" . DG  A 1 10 ? -6.604  -10.731 -0.203  1.00 70.69  ? 10  DG  A "C1'" 1 
ATOM   197 N  N9    . DG  A 1 10 ? -5.203  -10.898 0.162   1.00 66.87  ? 10  DG  A N9    1 
ATOM   198 C  C8    . DG  A 1 10 ? -4.660  -11.685 1.153   1.00 68.34  ? 10  DG  A C8    1 
ATOM   199 N  N7    . DG  A 1 10 ? -3.361  -11.589 1.227   1.00 67.24  ? 10  DG  A N7    1 
ATOM   200 C  C5    . DG  A 1 10 ? -3.027  -10.678 0.231   1.00 64.10  ? 10  DG  A C5    1 
ATOM   201 C  C6    . DG  A 1 10 ? -1.757  -10.181 -0.182  1.00 62.68  ? 10  DG  A C6    1 
ATOM   202 O  O6    . DG  A 1 10 ? -0.636  -10.458 0.264   1.00 65.76  ? 10  DG  A O6    1 
ATOM   203 N  N1    . DG  A 1 10 ? -1.877  -9.305  -1.254  1.00 59.37  ? 10  DG  A N1    1 
ATOM   204 C  C2    . DG  A 1 10 ? -3.061  -8.931  -1.840  1.00 60.16  ? 10  DG  A C2    1 
ATOM   205 N  N2    . DG  A 1 10 ? -2.970  -8.059  -2.854  1.00 59.66  ? 10  DG  A N2    1 
ATOM   206 N  N3    . DG  A 1 10 ? -4.246  -9.377  -1.461  1.00 61.23  ? 10  DG  A N3    1 
ATOM   207 C  C4    . DG  A 1 10 ? -4.155  -10.241 -0.430  1.00 63.66  ? 10  DG  A C4    1 
ATOM   208 P  P     . DG  A 1 11 ? -9.927  -12.011 -2.353  1.00 81.97  ? 11  DG  A P     1 
ATOM   209 O  OP1   . DG  A 1 11 ? -11.020 -11.370 -3.130  1.00 85.84  ? 11  DG  A OP1   1 
ATOM   210 O  OP2   . DG  A 1 11 ? -10.185 -13.288 -1.622  1.00 84.52  ? 11  DG  A OP2   1 
ATOM   211 O  "O5'" . DG  A 1 11 ? -8.764  -12.157 -3.434  1.00 78.32  ? 11  DG  A "O5'" 1 
ATOM   212 C  "C5'" . DG  A 1 11 ? -7.956  -11.040 -3.870  1.00 71.67  ? 11  DG  A "C5'" 1 
ATOM   213 C  "C4'" . DG  A 1 11 ? -6.771  -11.562 -4.647  1.00 69.20  ? 11  DG  A "C4'" 1 
ATOM   214 O  "O4'" . DG  A 1 11 ? -5.773  -12.077 -3.736  1.00 67.24  ? 11  DG  A "O4'" 1 
ATOM   215 C  "C3'" . DG  A 1 11 ? -7.121  -12.731 -5.555  1.00 71.75  ? 11  DG  A "C3'" 1 
ATOM   216 O  "O3'" . DG  A 1 11 ? -6.222  -12.800 -6.656  1.00 72.73  ? 11  DG  A "O3'" 1 
ATOM   217 C  "C2'" . DG  A 1 11 ? -6.908  -13.925 -4.654  1.00 72.86  ? 11  DG  A "C2'" 1 
ATOM   218 C  "C1'" . DG  A 1 11 ? -5.696  -13.494 -3.859  1.00 69.36  ? 11  DG  A "C1'" 1 
ATOM   219 N  N9    . DG  A 1 11 ? -5.578  -14.066 -2.518  1.00 69.30  ? 11  DG  A N9    1 
ATOM   220 C  C8    . DG  A 1 11 ? -6.523  -14.749 -1.785  1.00 71.32  ? 11  DG  A C8    1 
ATOM   221 N  N7    . DG  A 1 11 ? -6.076  -15.153 -0.628  1.00 71.17  ? 11  DG  A N7    1 
ATOM   222 C  C5    . DG  A 1 11 ? -4.755  -14.726 -0.601  1.00 70.18  ? 11  DG  A C5    1 
ATOM   223 C  C6    . DG  A 1 11 ? -3.755  -14.886 0.392   1.00 72.22  ? 11  DG  A C6    1 
ATOM   224 O  O6    . DG  A 1 11 ? -3.841  -15.452 1.490   1.00 76.58  ? 11  DG  A O6    1 
ATOM   225 N  N1    . DG  A 1 11 ? -2.553  -14.297 0.007   1.00 70.17  ? 11  DG  A N1    1 
ATOM   226 C  C2    . DG  A 1 11 ? -2.331  -13.664 -1.190  1.00 68.17  ? 11  DG  A C2    1 
ATOM   227 N  N2    . DG  A 1 11 ? -1.100  -13.169 -1.382  1.00 67.96  ? 11  DG  A N2    1 
ATOM   228 N  N3    . DG  A 1 11 ? -3.252  -13.512 -2.125  1.00 67.11  ? 11  DG  A N3    1 
ATOM   229 C  C4    . DG  A 1 11 ? -4.434  -14.059 -1.764  1.00 68.58  ? 11  DG  A C4    1 
ATOM   230 P  P     . DA  A 1 12 ? -6.776  -13.090 -8.114  1.00 78.12  ? 12  DA  A P     1 
ATOM   231 O  OP1   . DA  A 1 12 ? -8.149  -12.524 -8.220  1.00 79.97  ? 12  DA  A OP1   1 
ATOM   232 O  OP2   . DA  A 1 12 ? -6.563  -14.542 -8.443  1.00 81.41  ? 12  DA  A OP2   1 
ATOM   233 O  "O5'" . DA  A 1 12 ? -5.818  -12.194 -9.021  1.00 76.71  ? 12  DA  A "O5'" 1 
ATOM   234 C  "C5'" . DA  A 1 12 ? -5.526  -10.822 -8.711  1.00 73.86  ? 12  DA  A "C5'" 1 
ATOM   235 C  "C4'" . DA  A 1 12 ? -4.137  -10.467 -9.187  1.00 73.02  ? 12  DA  A "C4'" 1 
ATOM   236 O  "O4'" . DA  A 1 12 ? -3.180  -10.900 -8.189  1.00 70.86  ? 12  DA  A "O4'" 1 
ATOM   237 C  "C3'" . DA  A 1 12 ? -3.706  -11.130 -10.495 1.00 78.63  ? 12  DA  A "C3'" 1 
ATOM   238 O  "O3'" . DA  A 1 12 ? -2.825  -10.284 -11.255 1.00 85.13  ? 12  DA  A "O3'" 1 
ATOM   239 C  "C2'" . DA  A 1 12 ? -2.900  -12.327 -10.021 1.00 78.14  ? 12  DA  A "C2'" 1 
ATOM   240 C  "C1'" . DA  A 1 12 ? -2.223  -11.761 -8.787  1.00 72.11  ? 12  DA  A "C1'" 1 
ATOM   241 N  N9    . DA  A 1 12 ? -1.806  -12.737 -7.781  1.00 70.29  ? 12  DA  A N9    1 
ATOM   242 C  C8    . DA  A 1 12 ? -2.562  -13.321 -6.792  1.00 69.02  ? 12  DA  A C8    1 
ATOM   243 N  N7    . DA  A 1 12 ? -1.885  -14.142 -6.026  1.00 69.52  ? 12  DA  A N7    1 
ATOM   244 C  C5    . DA  A 1 12 ? -0.596  -14.087 -6.535  1.00 70.98  ? 12  DA  A C5    1 
ATOM   245 C  C6    . DA  A 1 12 ? 0.600   -14.707 -6.145  1.00 74.30  ? 12  DA  A C6    1 
ATOM   246 N  N6    . DA  A 1 12 ? 0.685   -15.577 -5.135  1.00 77.25  ? 12  DA  A N6    1 
ATOM   247 N  N1    . DA  A 1 12 ? 1.711   -14.447 -6.871  1.00 76.78  ? 12  DA  A N1    1 
ATOM   248 C  C2    . DA  A 1 12 ? 1.621   -13.584 -7.892  1.00 75.08  ? 12  DA  A C2    1 
ATOM   249 N  N3    . DA  A 1 12 ? 0.557   -12.920 -8.341  1.00 71.67  ? 12  DA  A N3    1 
ATOM   250 C  C4    . DA  A 1 12 ? -0.532  -13.222 -7.614  1.00 70.87  ? 12  DA  A C4    1 
ATOM   251 P  P     . DG  A 1 13 ? -3.351  -9.386  -12.501 1.00 89.43  ? 13  DG  A P     1 
ATOM   252 O  OP1   . DG  A 1 13 ? -2.231  -9.272  -13.474 1.00 92.17  ? 13  DG  A OP1   1 
ATOM   253 O  OP2   . DG  A 1 13 ? -3.981  -8.151  -11.918 1.00 83.29  ? 13  DG  A OP2   1 
ATOM   254 O  "O5'" . DG  A 1 13 ? -4.356  -10.345 -13.290 1.00 92.14  ? 13  DG  A "O5'" 1 
HETATM 255 MG MG    . MG  B 2 .  ? 7.534   15.480  -3.543  1.00 84.35  ? 101 MG  A MG    1 
HETATM 256 O  O     . HOH C 3 .  ? 8.470   17.249  -2.828  1.00 74.24  ? 201 HOH A O     1 
HETATM 257 O  O     . HOH C 3 .  ? 9.855   15.117  -3.732  1.00 67.02  ? 202 HOH A O     1 
HETATM 258 O  O     . HOH C 3 .  ? 6.870   16.660  -5.356  1.00 68.93  ? 203 HOH A O     1 
HETATM 259 O  O     . HOH C 3 .  ? 8.313   13.588  -2.651  1.00 65.12  ? 204 HOH A O     1 
HETATM 260 O  O     . HOH C 3 .  ? 0.662   4.448   -8.937  1.00 57.76  ? 205 HOH A O     1 
HETATM 261 O  O     . HOH C 3 .  ? -5.641  -16.421 -7.054  1.00 55.69  ? 206 HOH A O     1 
HETATM 262 O  O     . HOH C 3 .  ? 0.297   -12.666 1.458   1.00 64.20  ? 207 HOH A O     1 
# 
loop_
_atom_site_anisotrop.id 
_atom_site_anisotrop.type_symbol 
_atom_site_anisotrop.pdbx_label_atom_id 
_atom_site_anisotrop.pdbx_label_alt_id 
_atom_site_anisotrop.pdbx_label_comp_id 
_atom_site_anisotrop.pdbx_label_asym_id 
_atom_site_anisotrop.pdbx_label_seq_id 
_atom_site_anisotrop.pdbx_PDB_ins_code 
_atom_site_anisotrop.U[1][1] 
_atom_site_anisotrop.U[2][2] 
_atom_site_anisotrop.U[3][3] 
_atom_site_anisotrop.U[1][2] 
_atom_site_anisotrop.U[1][3] 
_atom_site_anisotrop.U[2][3] 
_atom_site_anisotrop.pdbx_auth_seq_id 
_atom_site_anisotrop.pdbx_auth_comp_id 
_atom_site_anisotrop.pdbx_auth_asym_id 
_atom_site_anisotrop.pdbx_auth_atom_id 
1   O "O5'" . DG A 1  ? 1.2165 0.8580 1.2397 -0.0173 0.0474  0.1430  1  DG A "O5'" 
2   C "C5'" . DG A 1  ? 1.1346 0.8341 1.2225 0.0309  0.0692  0.1376  1  DG A "C5'" 
3   C "C4'" . DG A 1  ? 1.1126 0.8010 1.1890 0.0455  0.0911  0.1112  1  DG A "C4'" 
4   O "O4'" . DG A 1  ? 1.0291 0.7850 1.1775 0.0860  0.1118  0.1088  1  DG A "O4'" 
5   C "C3'" . DG A 1  ? 1.0637 0.8012 1.1322 0.0079  0.0713  0.1022  1  DG A "C3'" 
6   O "O3'" . DG A 1  ? 1.1484 0.8039 1.1482 0.0029  0.0797  0.0810  1  DG A "O3'" 
7   C "C2'" . DG A 1  ? 0.9385 0.7893 1.0827 0.0283  0.0779  0.1007  1  DG A "C2'" 
8   C "C1'" . DG A 1  ? 0.9312 0.7588 1.0972 0.0743  0.1076  0.0951  1  DG A "C1'" 
9   N N9    . DG A 1  ? 0.8277 0.7461 1.0669 0.0943  0.1072  0.1041  1  DG A N9    
10  C C8    . DG A 1  ? 0.7681 0.7299 1.0441 0.1145  0.1226  0.0939  1  DG A C8    
11  N N7    . DG A 1  ? 0.7088 0.7398 1.0364 0.1200  0.1093  0.1083  1  DG A N7    
12  C C5    . DG A 1  ? 0.7163 0.7455 1.0340 0.1037  0.0861  0.1281  1  DG A C5    
13  C C6    . DG A 1  ? 0.7015 0.7688 1.0352 0.0955  0.0618  0.1497  1  DG A C6    
14  O O6    . DG A 1  ? 0.6688 0.7797 1.0303 0.0993  0.0507  0.1566  1  DG A O6    
15  N N1    . DG A 1  ? 0.7490 0.7849 1.0479 0.0751  0.0468  0.1659  1  DG A N1    
16  C C2    . DG A 1  ? 0.8062 0.7874 1.0673 0.0619  0.0520  0.1625  1  DG A C2    
17  N N2    . DG A 1  ? 0.8500 0.8066 1.0790 0.0377  0.0361  0.1819  1  DG A N2    
18  N N3    . DG A 1  ? 0.8304 0.7721 1.0730 0.0660  0.0688  0.1430  1  DG A N3    
19  C C4    . DG A 1  ? 0.7874 0.7533 1.0564 0.0882  0.0863  0.1260  1  DG A C4    
20  P P     . DG A 2  ? 1.1950 0.8619 1.1669 -0.0436 0.0455  0.0775  2  DG A P     
21  O OP1   . DG A 2  ? 1.3248 0.8479 1.1788 -0.0586 0.0471  0.0602  2  DG A OP1   
22  O OP2   . DG A 2  ? 1.1736 0.9068 1.1873 -0.0836 0.0119  0.1029  2  DG A OP2   
23  O "O5'" . DG A 2  ? 1.0379 0.8072 1.0764 -0.0205 0.0557  0.0679  2  DG A "O5'" 
24  C "C5'" . DG A 2  ? 0.9951 0.7410 1.0243 0.0165  0.0909  0.0484  2  DG A "C5'" 
25  C "C4'" . DG A 2  ? 0.8746 0.7271 0.9701 0.0276  0.0892  0.0458  2  DG A "C4'" 
26  O "O4'" . DG A 2  ? 0.7809 0.7180 0.9511 0.0478  0.0956  0.0585  2  DG A "O4'" 
27  C "C3'" . DG A 2  ? 0.8402 0.7455 0.9527 -0.0054 0.0525  0.0539  2  DG A "C3'" 
28  O "O3'" . DG A 2  ? 0.8228 0.7536 0.9409 0.0047  0.0542  0.0415  2  DG A "O3'" 
29  C "C2'" . DG A 2  ? 0.7535 0.7562 0.9414 -0.0035 0.0506  0.0719  2  DG A "C2'" 
30  C "C1'" . DG A 2  ? 0.7077 0.7298 0.9191 0.0335  0.0781  0.0660  2  DG A "C1'" 
31  N N9    . DG A 2  ? 0.6651 0.7331 0.9117 0.0362  0.0785  0.0829  2  DG A N9    
32  C C8    . DG A 2  ? 0.6858 0.7511 0.9289 0.0132  0.0675  0.1010  2  DG A C8    
33  N N7    . DG A 2  ? 0.6640 0.7606 0.9236 0.0184  0.0710  0.1137  2  DG A N7    
34  C C5    . DG A 2  ? 0.6277 0.7517 0.9061 0.0440  0.0793  0.1047  2  DG A C5    
35  C C6    . DG A 2  ? 0.6228 0.7732 0.9099 0.0522  0.0770  0.1141  2  DG A C6    
36  O O6    . DG A 2  ? 0.6750 0.8235 0.9457 0.0397  0.0694  0.1313  2  DG A O6    
37  N N1    . DG A 2  ? 0.5949 0.7641 0.9004 0.0712  0.0807  0.1036  2  DG A N1    
38  C C2    . DG A 2  ? 0.5652 0.7287 0.8774 0.0831  0.0922  0.0850  2  DG A C2    
39  N N2    . DG A 2  ? 0.5358 0.7199 0.8662 0.0963  0.0959  0.0797  2  DG A N2    
40  N N3    . DG A 2  ? 0.5810 0.7106 0.8727 0.0763  0.0963  0.0747  2  DG A N3    
41  C C4    . DG A 2  ? 0.6104 0.7219 0.8870 0.0560  0.0864  0.0859  2  DG A C4    
42  P P     . DA A 3  ? 0.9128 0.7874 0.9714 -0.0267 0.0212  0.0382  3  DA A P     
43  O OP1   . DA A 3  ? 1.0358 0.7824 0.9935 -0.0539 0.0118  0.0352  3  DA A OP1   
44  O OP2   . DA A 3  ? 0.8828 0.8524 1.0170 -0.0423 -0.0125 0.0583  3  DA A OP2   
45  O "O5'" . DA A 3  ? 0.9194 0.7740 0.9505 -0.0020 0.0465  0.0170  3  DA A "O5'" 
46  C "C5'" . DA A 3  ? 0.9525 0.7583 0.9564 0.0269  0.0951  0.0013  3  DA A "C5'" 
47  C "C4'" . DA A 3  ? 0.9236 0.7451 0.9285 0.0432  0.1134  -0.0115 3  DA A "C4'" 
48  O "O4'" . DA A 3  ? 0.8156 0.7461 0.9141 0.0662  0.1207  -0.0044 3  DA A "O4'" 
49  C "C3'" . DA A 3  ? 0.9502 0.7636 0.9217 0.0189  0.0743  -0.0116 3  DA A "C3'" 
50  O "O3'" . DA A 3  ? 1.0302 0.7962 0.9479 0.0248  0.0944  -0.0275 3  DA A "O3'" 
51  C "C2'" . DA A 3  ? 0.8318 0.7688 0.9048 0.0292  0.0562  0.0021  3  DA A "C2'" 
52  C "C1'" . DA A 3  ? 0.7522 0.7381 0.8745 0.0601  0.0947  -0.0021 3  DA A "C1'" 
53  N N9    . DA A 3  ? 0.6746 0.7488 0.8695 0.0686  0.0893  0.0110  3  DA A N9    
54  C C8    . DA A 3  ? 0.6659 0.7642 0.8880 0.0594  0.0803  0.0258  3  DA A C8    
55  N N7    . DA A 3  ? 0.6141 0.7783 0.8822 0.0676  0.0841  0.0346  3  DA A N7    
56  C C5    . DA A 3  ? 0.5878 0.7690 0.8570 0.0831  0.0929  0.0244  3  DA A C5    
57  C C6    . DA A 3  ? 0.5884 0.8098 0.8736 0.0943  0.1006  0.0252  3  DA A C6    
58  N N6    . DA A 3  ? 0.5976 0.8490 0.8972 0.0928  0.1056  0.0364  3  DA A N6    
59  N N1    . DA A 3  ? 0.5826 0.7971 0.8519 0.1032  0.1042  0.0140  3  DA A N1    
60  C C2    . DA A 3  ? 0.5888 0.7648 0.8328 0.1016  0.1042  0.0035  3  DA A C2    
61  N N3    . DA A 3  ? 0.6119 0.7413 0.8301 0.0924  0.1026  0.0005  3  DA A N3    
62  C C4    . DA A 3  ? 0.6171 0.7496 0.8483 0.0834  0.0951  0.0110  3  DA A C4    
63  P P     . DA A 4  ? 1.1993 0.8059 0.9714 0.0061  0.1135  -0.0443 4  DA A P     
64  O OP1   . DA A 4  ? 1.2098 0.8052 0.9650 0.0229  0.1546  -0.0577 4  DA A OP1   
65  O OP2   . DA A 4  ? 1.2081 0.7352 0.9334 0.0060  0.1389  -0.0475 4  DA A OP2   
66  O "O5'" . DA A 4  ? 1.2243 0.7872 0.9342 -0.0361 0.0447  -0.0349 4  DA A "O5'" 
67  C "C5'" . DA A 4  ? 1.2372 0.7721 0.9267 -0.0723 -0.0083 -0.0182 4  DA A "C5'" 
68  C "C4'" . DA A 4  ? 1.3392 0.7653 0.9128 -0.1176 -0.0622 -0.0134 4  DA A "C4'" 
69  O "O4'" . DA A 4  ? 1.4759 0.7361 0.8882 -0.1255 -0.0186 -0.0385 4  DA A "O4'" 
70  C "C3'" . DA A 4  ? 1.2783 0.7569 0.8870 -0.1123 -0.0897 -0.0067 4  DA A "C3'" 
71  O "O3'" . DA A 4  ? 1.2597 0.8124 0.9491 -0.1343 -0.1640 0.0264  4  DA A "O3'" 
72  C "C2'" . DA A 4  ? 1.4312 0.7427 0.8648 -0.1438 -0.0971 -0.0195 4  DA A "C2'" 
73  C "C1'" . DA A 4  ? 1.5269 0.7124 0.8462 -0.1431 -0.0339 -0.0440 4  DA A "C1'" 
74  N N9    . DA A 4  ? 1.5067 0.6591 0.7929 -0.1089 0.0519  -0.0697 4  DA A N9    
75  C C8    . DA A 4  ? 1.4236 0.6318 0.7858 -0.0633 0.1290  -0.0811 4  DA A C8    
76  N N7    . DA A 4  ? 1.4558 0.6169 0.7746 -0.0450 0.1965  -0.0978 4  DA A N7    
77  C C5    . DA A 4  ? 1.5679 0.6211 0.7534 -0.0824 0.1644  -0.1014 4  DA A C5    
78  C C6    . DA A 4  ? 1.6759 0.6286 0.7501 -0.0895 0.2078  -0.1161 4  DA A C6    
79  N N6    . DA A 4  ? 1.6909 0.6514 0.7910 -0.0560 0.3012  -0.1286 4  DA A N6    
80  N N1    . DA A 4  ? 1.7852 0.6313 0.7259 -0.1347 0.1498  -0.1127 4  DA A N1    
81  C C2    . DA A 4  ? 1.7826 0.6350 0.7217 -0.1690 0.0512  -0.0919 4  DA A C2    
82  N N3    . DA A 4  ? 1.6854 0.6381 0.7379 -0.1662 0.0065  -0.0747 4  DA A N3    
83  C C4    . DA A 4  ? 1.5933 0.6392 0.7583 -0.1218 0.0702  -0.0829 4  DA A C4    
84  P P     . DT A 5  ? 1.1755 0.8521 0.9864 -0.1071 -0.1832 0.0421  5  DT A P     
85  O OP1   . DT A 5  ? 1.1544 0.9308 1.0878 -0.1204 -0.2378 0.0805  5  DT A OP1   
86  O OP2   . DT A 5  ? 1.0525 0.7928 0.9118 -0.0581 -0.1144 0.0192  5  DT A OP2   
87  O "O5'" . DT A 5  ? 1.2970 0.8659 0.9942 -0.1313 -0.2221 0.0420  5  DT A "O5'" 
88  C "C5'" . DT A 5  ? 1.4567 0.9012 1.0369 -0.1891 -0.2918 0.0584  5  DT A "C5'" 
89  C "C4'" . DT A 5  ? 1.5588 0.9093 1.0331 -0.2005 -0.3130 0.0542  5  DT A "C4'" 
90  O "O4'" . DT A 5  ? 1.6119 0.8599 0.9597 -0.1887 -0.2337 0.0141  5  DT A "O4'" 
91  C "C3'" . DT A 5  ? 1.4641 0.9328 1.0639 -0.1609 -0.3213 0.0671  5  DT A "C3'" 
92  O "O3'" . DT A 5  ? 1.6097 1.0083 1.1510 -0.1929 -0.4014 0.0930  5  DT A "O3'" 
93  C "C2'" . DT A 5  ? 1.4051 0.8737 0.9794 -0.1216 -0.2328 0.0293  5  DT A "C2'" 
94  C "C1'" . DT A 5  ? 1.5372 0.8373 0.9254 -0.1526 -0.1997 0.0034  5  DT A "C1'" 
95  N N1    . DT A 5  ? 1.4754 0.7739 0.8508 -0.1213 -0.1014 -0.0296 5  DT A N1    
96  C C2    . DT A 5  ? 1.5594 0.7446 0.8065 -0.1281 -0.0552 -0.0508 5  DT A C2    
97  O O2    . DT A 5  ? 1.6741 0.7491 0.8001 -0.1601 -0.0917 -0.0469 5  DT A O2    
98  N N3    . DT A 5  ? 1.5056 0.7123 0.7770 -0.0974 0.0351  -0.0726 5  DT A N3    
99  C C4    . DT A 5  ? 1.3881 0.7082 0.7880 -0.0629 0.0730  -0.0741 5  DT A C4    
100 O O4    . DT A 5  ? 1.3799 0.7115 0.8017 -0.0386 0.1471  -0.0874 5  DT A O4    
101 C C5    . DT A 5  ? 1.2939 0.7127 0.7996 -0.0605 0.0195  -0.0548 5  DT A C5    
102 C C7    . DT A 5  ? 1.1650 0.6940 0.7936 -0.0289 0.0526  -0.0538 5  DT A C7    
103 C C6    . DT A 5  ? 1.3424 0.7496 0.8356 -0.0886 -0.0592 -0.0340 5  DT A C6    
104 P P     . DC A 6  ? 1.5626 1.0526 1.2183 -0.1580 -0.4314 0.1163  6  DC A P     
105 O OP1   . DC A 6  ? 1.6564 1.1200 1.3225 -0.1986 -0.5423 0.1656  6  DC A OP1   
106 O OP2   . DC A 6  ? 1.3810 1.0358 1.2107 -0.0996 -0.3753 0.1124  6  DC A OP2   
107 O "O5'" . DC A 6  ? 1.6202 1.0001 1.1334 -0.1529 -0.3913 0.0845  6  DC A "O5'" 
108 C "C5'" . DC A 6  ? 1.8307 1.0265 1.1426 -0.2060 -0.4264 0.0813  6  DC A "C5'" 
109 C "C4'" . DC A 6  ? 1.8818 1.0057 1.0936 -0.1927 -0.3709 0.0523  6  DC A "C4'" 
110 O "O4'" . DC A 6  ? 1.8191 0.9496 1.0129 -0.1720 -0.2677 0.0131  6  DC A "O4'" 
111 C "C3'" . DC A 6  ? 1.8024 1.0297 1.1337 -0.1464 -0.3721 0.0618  6  DC A "C3'" 
112 O "O3'" . DC A 6  ? 1.9975 1.1194 1.2259 -0.1680 -0.4250 0.0762  6  DC A "O3'" 
113 C "C2'" . DC A 6  ? 1.6816 0.9602 1.0388 -0.1093 -0.2705 0.0246  6  DC A "C2'" 
114 C "C1'" . DC A 6  ? 1.7167 0.9089 0.9625 -0.1332 -0.2120 -0.0030 6  DC A "C1'" 
115 N N1    . DC A 6  ? 1.5422 0.8375 0.8878 -0.0985 -0.1365 -0.0227 6  DC A N1    
116 C C2    . DC A 6  ? 1.5448 0.7984 0.8325 -0.0936 -0.0533 -0.0499 6  DC A C2    
117 O O2    . DC A 6  ? 1.6682 0.7988 0.8180 -0.1181 -0.0363 -0.0595 6  DC A O2    
118 N N3    . DC A 6  ? 1.4148 0.7626 0.8015 -0.0638 0.0062  -0.0611 6  DC A N3    
119 C C4    . DC A 6  ? 1.3212 0.7853 0.8365 -0.0424 -0.0131 -0.0501 6  DC A C4    
120 N N4    . DC A 6  ? 1.2372 0.7805 0.8361 -0.0170 0.0395  -0.0586 6  DC A N4    
121 C C5    . DC A 6  ? 1.3033 0.8095 0.8736 -0.0470 -0.0870 -0.0253 6  DC A C5    
122 C C6    . DC A 6  ? 1.4004 0.8268 0.8941 -0.0737 -0.1475 -0.0104 6  DC A C6    
123 P P     . DG A 7  ? 1.9988 1.1904 1.3243 -0.1239 -0.4423 0.0919  7  DG A P     
124 O OP1   . DG A 7  ? 2.0877 1.2779 1.4613 -0.1368 -0.5518 0.1430  7  DG A OP1   
125 O OP2   . DG A 7  ? 1.7908 1.1320 1.2690 -0.0666 -0.3721 0.0752  7  DG A OP2   
126 O "O5'" . DG A 7  ? 2.0775 1.1264 1.2251 -0.1447 -0.4125 0.0687  7  DG A "O5'" 
127 C "C5'" . DG A 7  ? 2.1469 1.0774 1.1310 -0.1800 -0.3498 0.0355  7  DG A "C5'" 
128 C "C4'" . DG A 7  ? 2.0753 1.0199 1.0499 -0.1576 -0.2622 0.0057  7  DG A "C4'" 
129 O "O4'" . DG A 7  ? 1.9101 0.9641 0.9866 -0.1290 -0.1837 -0.0169 7  DG A "O4'" 
130 C "C3'" . DG A 7  ? 1.9996 1.0094 1.0593 -0.1215 -0.2803 0.0169  7  DG A "C3'" 
131 O "O3'" . DG A 7  ? 2.1062 1.0143 1.0387 -0.1410 -0.2436 0.0016  7  DG A "O3'" 
132 C "C2'" . DG A 7  ? 1.7844 0.9596 1.0189 -0.0726 -0.2330 0.0072  7  DG A "C2'" 
133 C "C1'" . DG A 7  ? 1.7297 0.9022 0.9328 -0.0860 -0.1582 -0.0199 7  DG A "C1'" 
134 N N9    . DG A 7  ? 1.5269 0.8314 0.8694 -0.0558 -0.1278 -0.0249 7  DG A N9    
135 C C8    . DG A 7  ? 1.4238 0.8312 0.8946 -0.0311 -0.1654 -0.0064 7  DG A C8    
136 N N7    . DG A 7  ? 1.3025 0.8019 0.8619 -0.0119 -0.1220 -0.0165 7  DG A N7    
137 C C5    . DG A 7  ? 1.3095 0.7728 0.8098 -0.0215 -0.0563 -0.0403 7  DG A C5    
138 C C6    . DG A 7  ? 1.2356 0.7622 0.7942 -0.0085 0.0044  -0.0541 7  DG A C6    
139 O O6    . DG A 7  ? 1.1594 0.7789 0.8186 0.0116  0.0103  -0.0508 7  DG A O6    
140 N N1    . DG A 7  ? 1.2588 0.7298 0.7511 -0.0219 0.0625  -0.0692 7  DG A N1    
141 C C2    . DG A 7  ? 1.3890 0.7502 0.7599 -0.0477 0.0681  -0.0735 7  DG A C2    
142 N N2    . DG A 7  ? 1.4381 0.7668 0.7726 -0.0570 0.1389  -0.0852 7  DG A N2    
143 N N3    . DG A 7  ? 1.4722 0.7592 0.7663 -0.0639 0.0089  -0.0633 7  DG A N3    
144 C C4    . DG A 7  ? 1.4352 0.7822 0.8063 -0.0482 -0.0539 -0.0458 7  DG A C4    
145 P P     . DA A 8  ? 2.0880 1.0205 1.0559 -0.1139 -0.2424 0.0042  8  DA A P     
146 O OP1   . DA A 8  ? 2.2900 1.0703 1.1044 -0.1484 -0.2929 0.0187  8  DA A OP1   
147 O OP2   . DA A 8  ? 1.9461 1.0171 1.0907 -0.0607 -0.2665 0.0182  8  DA A OP2   
148 O "O5'" . DA A 8  ? 2.0191 0.9697 0.9726 -0.1184 -0.1427 -0.0263 8  DA A "O5'" 
149 C "C5'" . DA A 8  ? 2.0915 0.9374 0.9093 -0.1603 -0.0859 -0.0426 8  DA A "C5'" 
150 C "C4'" . DA A 8  ? 1.9888 0.9101 0.8706 -0.1519 0.0066  -0.0615 8  DA A "C4'" 
151 O "O4'" . DA A 8  ? 1.8167 0.8749 0.8477 -0.1184 0.0243  -0.0657 8  DA A "O4'" 
152 C "C3'" . DA A 8  ? 1.9511 0.9103 0.8723 -0.1433 0.0159  -0.0600 8  DA A "C3'" 
153 O "O3'" . DA A 8  ? 2.0037 0.9498 0.8971 -0.1678 0.0967  -0.0699 8  DA A "O3'" 
154 C "C2'" . DA A 8  ? 1.7649 0.8696 0.8504 -0.0979 0.0001  -0.0578 8  DA A "C2'" 
155 C "C1'" . DA A 8  ? 1.6768 0.8471 0.8274 -0.0903 0.0350  -0.0655 8  DA A "C1'" 
156 N N9    . DA A 8  ? 1.5074 0.7881 0.7852 -0.0537 0.0062  -0.0601 8  DA A N9    
157 C C8    . DA A 8  ? 1.4677 0.7684 0.7863 -0.0320 -0.0588 -0.0448 8  DA A C8    
158 N N7    . DA A 8  ? 1.3352 0.7433 0.7730 -0.0030 -0.0588 -0.0423 8  DA A N7    
159 C C5    . DA A 8  ? 1.2757 0.7323 0.7470 -0.0062 0.0023  -0.0569 8  DA A C5    
160 C C6    . DA A 8  ? 1.1638 0.7230 0.7403 0.0135  0.0277  -0.0599 8  DA A C6    
161 N N6    . DA A 8  ? 1.0999 0.7313 0.7620 0.0392  0.0014  -0.0509 8  DA A N6    
162 N N1    . DA A 8  ? 1.1322 0.7180 0.7286 0.0056  0.0827  -0.0684 8  DA A N1    
163 C C2    . DA A 8  ? 1.2181 0.7395 0.7428 -0.0195 0.1184  -0.0736 8  DA A C2    
164 N N3    . DA A 8  ? 1.3491 0.7677 0.7623 -0.0426 0.1070  -0.0742 8  DA A N3    
165 C C4    . DA A 8  ? 1.3751 0.7618 0.7610 -0.0350 0.0434  -0.0661 8  DA A C4    
166 P P     . DT A 9  ? 1.9803 0.9668 0.9140 -0.1733 0.1172  -0.0668 9  DT A P     
167 O OP1   . DT A 9  ? 2.0392 0.9713 0.9068 -0.2132 0.1927  -0.0687 9  DT A OP1   
168 O OP2   . DT A 9  ? 1.9987 0.9423 0.8982 -0.1626 0.0445  -0.0577 9  DT A OP2   
169 O "O5'" . DT A 9  ? 1.7709 0.9181 0.8784 -0.1406 0.1358  -0.0685 9  DT A "O5'" 
170 C "C5'" . DT A 9  ? 1.6744 0.8920 0.8578 -0.1413 0.2031  -0.0714 9  DT A "C5'" 
171 C "C4'" . DT A 9  ? 1.5011 0.8559 0.8338 -0.1149 0.1970  -0.0671 9  DT A "C4'" 
172 O "O4'" . DT A 9  ? 1.4150 0.8030 0.7843 -0.0808 0.1475  -0.0702 9  DT A "O4'" 
173 C "C3'" . DT A 9  ? 1.4678 0.8426 0.8186 -0.1241 0.1738  -0.0598 9  DT A "C3'" 
174 O "O3'" . DT A 9  ? 1.4565 0.8945 0.8791 -0.1481 0.2171  -0.0480 9  DT A "O3'" 
175 C "C2'" . DT A 9  ? 1.3631 0.8034 0.7839 -0.0868 0.1288  -0.0617 9  DT A "C2'" 
176 C "C1'" . DT A 9  ? 1.2906 0.7668 0.7527 -0.0615 0.1304  -0.0665 9  DT A "C1'" 
177 N N1    . DT A 9  ? 1.2142 0.7041 0.6961 -0.0276 0.0807  -0.0671 9  DT A N1    
178 C C2    . DT A 9  ? 1.0880 0.6709 0.6680 -0.0021 0.0812  -0.0666 9  DT A C2    
179 O O2    . DT A 9  ? 1.0128 0.6612 0.6586 -0.0063 0.1127  -0.0653 9  DT A O2    
180 N N3    . DT A 9  ? 1.0675 0.6648 0.6725 0.0286  0.0438  -0.0637 9  DT A N3    
181 C C4    . DT A 9  ? 1.1348 0.6722 0.6936 0.0397  0.0026  -0.0575 9  DT A C4    
182 O O4    . DT A 9  ? 1.1028 0.6756 0.7168 0.0714  -0.0229 -0.0494 9  DT A O4    
183 C C5    . DT A 9  ? 1.2393 0.6750 0.6909 0.0118  -0.0052 -0.0573 9  DT A C5    
184 C C7    . DT A 9  ? 1.3195 0.6806 0.7174 0.0219  -0.0578 -0.0453 9  DT A C7    
185 C C6    . DT A 9  ? 1.2780 0.6917 0.6894 -0.0217 0.0360  -0.0637 9  DT A C6    
186 P P     . DG A 10 ? 1.5480 0.9663 0.9472 -0.1817 0.2002  -0.0368 10 DG A P     
187 O OP1   . DG A 10 ? 1.6228 1.0370 1.0261 -0.2242 0.2584  -0.0224 10 DG A OP1   
188 O OP2   . DG A 10 ? 1.6338 0.9573 0.9274 -0.1716 0.1441  -0.0457 10 DG A OP2   
189 O "O5'" . DG A 10 ? 1.4213 0.9453 0.9349 -0.1748 0.1800  -0.0267 10 DG A "O5'" 
190 C "C5'" . DG A 10 ? 1.3033 0.9376 0.9452 -0.1641 0.2076  -0.0164 10 DG A "C5'" 
191 C "C4'" . DG A 10 ? 1.1971 0.8852 0.8891 -0.1437 0.1636  -0.0164 10 DG A "C4'" 
192 O "O4'" . DG A 10 ? 1.1748 0.8299 0.8221 -0.1024 0.1391  -0.0365 10 DG A "O4'" 
193 C "C3'" . DG A 10 ? 1.2207 0.8749 0.8693 -0.1714 0.1223  -0.0094 10 DG A "C3'" 
194 O "O3'" . DG A 10 ? 1.1547 0.8863 0.8871 -0.1775 0.1034  0.0059  10 DG A "O3'" 
195 C "C2'" . DG A 10 ? 1.2448 0.8152 0.7948 -0.1390 0.0895  -0.0313 10 DG A "C2'" 
196 C "C1'" . DG A 10 ? 1.1534 0.7751 0.7573 -0.0942 0.0976  -0.0412 10 DG A "C1'" 
197 N N9    . DG A 10 ? 1.1420 0.7089 0.6900 -0.0579 0.0778  -0.0556 10 DG A N9    
198 C C8    . DG A 10 ? 1.2215 0.6961 0.6790 -0.0582 0.0637  -0.0601 10 DG A C8    
199 N N7    . DG A 10 ? 1.2151 0.6734 0.6664 -0.0201 0.0399  -0.0649 10 DG A N7    
200 C C5    . DG A 10 ? 1.1176 0.6618 0.6561 0.0055  0.0453  -0.0659 10 DG A C5    
201 C C6    . DG A 10 ? 1.0731 0.6506 0.6579 0.0472  0.0314  -0.0665 10 DG A C6    
202 O O6    . DG A 10 ? 1.1268 0.6725 0.6993 0.0726  0.0070  -0.0628 10 DG A O6    
203 N N1    . DG A 10 ? 0.9793 0.6378 0.6388 0.0567  0.0462  -0.0666 10 DG A N1    
204 C C2    . DG A 10 ? 0.9643 0.6666 0.6549 0.0308  0.0637  -0.0635 10 DG A C2    
205 N N2    . DG A 10 ? 0.9140 0.6837 0.6692 0.0433  0.0696  -0.0610 10 DG A N2    
206 N N3    . DG A 10 ? 0.9918 0.6755 0.6590 -0.0065 0.0729  -0.0586 10 DG A N3    
207 C C4    . DG A 10 ? 1.0747 0.6796 0.6645 -0.0176 0.0667  -0.0614 10 DG A C4    
208 P P     . DG A 11 ? 1.2378 0.9410 0.9358 -0.2211 0.0591  0.0211  11 DG A P     
209 O OP1   . DG A 11 ? 1.2117 1.0173 1.0328 -0.2480 0.0507  0.0533  11 DG A OP1   
210 O OP2   . DG A 11 ? 1.3320 0.9448 0.9346 -0.2563 0.0560  0.0211  11 DG A OP2   
211 O "O5'" . DG A 11 ? 1.2303 0.8853 0.8601 -0.1861 0.0269  0.0004  11 DG A "O5'" 
212 C "C5'" . DG A 11 ? 1.1114 0.8193 0.7924 -0.1390 0.0359  -0.0103 11 DG A "C5'" 
213 C "C4'" . DG A 11 ? 1.1338 0.7686 0.7269 -0.1072 0.0184  -0.0304 11 DG A "C4'" 
214 O "O4'" . DG A 11 ? 1.1496 0.7214 0.6840 -0.0754 0.0272  -0.0479 11 DG A "O4'" 
215 C "C3'" . DG A 11 ? 1.2283 0.7752 0.7226 -0.1413 -0.0134 -0.0273 11 DG A "C3'" 
216 O "O3'" . DG A 11 ? 1.2767 0.7751 0.7116 -0.1110 -0.0176 -0.0418 11 DG A "O3'" 
217 C "C2'" . DG A 11 ? 1.3051 0.7561 0.7074 -0.1458 -0.0135 -0.0370 11 DG A "C2'" 
218 C "C1'" . DG A 11 ? 1.2513 0.7118 0.6725 -0.0886 0.0087  -0.0534 11 DG A "C1'" 
219 N N9    . DG A 11 ? 1.2818 0.6910 0.6602 -0.0915 0.0129  -0.0561 11 DG A N9    
220 C C8    . DG A 11 ? 1.3330 0.7044 0.6724 -0.1396 0.0117  -0.0459 11 DG A C8    
221 N N7    . DG A 11 ? 1.3687 0.6806 0.6549 -0.1309 0.0151  -0.0514 11 DG A N7    
222 C C5    . DG A 11 ? 1.3492 0.6665 0.6508 -0.0741 0.0116  -0.0628 11 DG A C5    
223 C C6    . DG A 11 ? 1.4031 0.6708 0.6702 -0.0449 0.0012  -0.0663 11 DG A C6    
224 O O6    . DG A 11 ? 1.5062 0.7009 0.7027 -0.0638 -0.0063 -0.0630 11 DG A O6    
225 N N1    . DG A 11 ? 1.3445 0.6535 0.6682 0.0076  -0.0041 -0.0698 11 DG A N1    
226 C C2    . DG A 11 ? 1.2736 0.6525 0.6641 0.0298  0.0073  -0.0732 11 DG A C2    
227 N N2    . DG A 11 ? 1.2407 0.6551 0.6865 0.0779  0.0053  -0.0729 11 DG A N2    
228 N N3    . DG A 11 ? 1.2450 0.6561 0.6489 0.0026  0.0166  -0.0726 11 DG A N3    
229 C C4    . DG A 11 ? 1.2871 0.6683 0.6503 -0.0488 0.0146  -0.0659 11 DG A C4    
230 P P     . DA A 12 ? 1.3833 0.8327 0.7520 -0.1502 -0.0497 -0.0319 12 DA A P     
231 O OP1   . DA A 12 ? 1.3454 0.8842 0.8089 -0.2037 -0.0754 0.0006  12 DA A OP1   
232 O OP2   . DA A 12 ? 1.5296 0.8250 0.7388 -0.1630 -0.0629 -0.0447 12 DA A OP2   
233 O "O5'" . DA A 12 ? 1.3519 0.8261 0.7366 -0.1048 -0.0305 -0.0429 12 DA A "O5'" 
234 C "C5'" . DA A 12 ? 1.2334 0.8274 0.7456 -0.0744 -0.0099 -0.0394 12 DA A "C5'" 
235 C "C4'" . DA A 12 ? 1.2312 0.8136 0.7298 -0.0191 0.0197  -0.0571 12 DA A "C4'" 
236 O "O4'" . DA A 12 ? 1.2087 0.7739 0.7097 0.0227  0.0405  -0.0709 12 DA A "O4'" 
237 C "C3'" . DA A 12 ? 1.3820 0.8528 0.7528 -0.0171 0.0231  -0.0675 12 DA A "C3'" 
238 O "O3'" . DA A 12 ? 1.4468 0.9465 0.8411 0.0179  0.0516  -0.0721 12 DA A "O3'" 
239 C "C2'" . DA A 12 ? 1.4331 0.8091 0.7268 0.0165  0.0428  -0.0855 12 DA A "C2'" 
240 C "C1'" . DA A 12 ? 1.2871 0.7557 0.6973 0.0561  0.0584  -0.0856 12 DA A "C1'" 
241 N N9    . DA A 12 ? 1.2928 0.7060 0.6717 0.0753  0.0584  -0.0920 12 DA A N9    
242 C C8    . DA A 12 ? 1.2908 0.6823 0.6497 0.0424  0.0363  -0.0875 12 DA A C8    
243 N N7    . DA A 12 ? 1.3292 0.6599 0.6525 0.0704  0.0377  -0.0930 12 DA A N7    
244 C C5    . DA A 12 ? 1.3447 0.6683 0.6839 0.1292  0.0633  -0.0989 12 DA A C5    
245 C C6    . DA A 12 ? 1.4003 0.6819 0.7410 0.1845  0.0746  -0.0997 12 DA A C6    
246 N N6    . DA A 12 ? 1.4706 0.6908 0.7737 0.1871  0.0540  -0.0966 12 DA A N6    
247 N N1    . DA A 12 ? 1.4112 0.7112 0.7948 0.2378  0.1092  -0.1000 12 DA A N1    
248 C C2    . DA A 12 ? 1.3656 0.7151 0.7721 0.2311  0.1304  -0.1025 12 DA A C2    
249 N N3    . DA A 12 ? 1.3138 0.6984 0.7111 0.1797  0.1154  -0.1026 12 DA A N3    
250 C C4    . DA A 12 ? 1.3156 0.6899 0.6871 0.1318  0.0809  -0.0995 12 DA A C4    
251 P P     . DG A 13 ? 1.4977 1.0152 0.8849 -0.0141 0.0339  -0.0577 13 DG A P     
252 O OP1   . DG A 13 ? 1.5722 1.0348 0.8950 0.0215  0.0759  -0.0712 13 DG A OP1   
253 O OP2   . DG A 13 ? 1.3256 0.9793 0.8599 -0.0242 0.0177  -0.0384 13 DG A OP2   
254 O "O5'" . DG A 13 ? 1.6161 1.0178 0.8670 -0.0753 -0.0095 -0.0501 13 DG A "O5'" 
# 
loop_
_pdbx_poly_seq_scheme.asym_id 
_pdbx_poly_seq_scheme.entity_id 
_pdbx_poly_seq_scheme.seq_id 
_pdbx_poly_seq_scheme.mon_id 
_pdbx_poly_seq_scheme.ndb_seq_num 
_pdbx_poly_seq_scheme.pdb_seq_num 
_pdbx_poly_seq_scheme.auth_seq_num 
_pdbx_poly_seq_scheme.pdb_mon_id 
_pdbx_poly_seq_scheme.auth_mon_id 
_pdbx_poly_seq_scheme.pdb_strand_id 
_pdbx_poly_seq_scheme.pdb_ins_code 
_pdbx_poly_seq_scheme.hetero 
A 1 1  DG 1  1  1  DG DG A . n 
A 1 2  DG 2  2  2  DG DG A . n 
A 1 3  DA 3  3  3  DA DA A . n 
A 1 4  DA 4  4  4  DA DA A . n 
A 1 5  DT 5  5  5  DT DT A . n 
A 1 6  DC 6  6  6  DC DC A . n 
A 1 7  DG 7  7  7  DG DG A . n 
A 1 8  DA 8  8  8  DA DA A . n 
A 1 9  DT 9  9  9  DT DT A . n 
A 1 10 DG 10 10 10 DG DG A . n 
A 1 11 DG 11 11 11 DG DG A . n 
A 1 12 DA 12 12 12 DA DA A . n 
A 1 13 DG 13 13 13 DG DG A . n 
# 
loop_
_pdbx_nonpoly_scheme.asym_id 
_pdbx_nonpoly_scheme.entity_id 
_pdbx_nonpoly_scheme.mon_id 
_pdbx_nonpoly_scheme.ndb_seq_num 
_pdbx_nonpoly_scheme.pdb_seq_num 
_pdbx_nonpoly_scheme.auth_seq_num 
_pdbx_nonpoly_scheme.pdb_mon_id 
_pdbx_nonpoly_scheme.auth_mon_id 
_pdbx_nonpoly_scheme.pdb_strand_id 
_pdbx_nonpoly_scheme.pdb_ins_code 
B 2 MG  1 101 1 MG  MG  A . 
C 3 HOH 1 201 1 HOH HOH A . 
C 3 HOH 2 202 2 HOH HOH A . 
C 3 HOH 3 203 3 HOH HOH A . 
C 3 HOH 4 204 4 HOH HOH A . 
C 3 HOH 5 205 5 HOH HOH A . 
C 3 HOH 6 206 6 HOH HOH A . 
C 3 HOH 7 207 7 HOH HOH A . 
# 
_pdbx_struct_assembly.id                   1 
_pdbx_struct_assembly.details              author_defined_assembly 
_pdbx_struct_assembly.method_details       ? 
_pdbx_struct_assembly.oligomeric_details   dimeric 
_pdbx_struct_assembly.oligomeric_count     2 
# 
_pdbx_struct_assembly_gen.assembly_id       1 
_pdbx_struct_assembly_gen.oper_expression   1,2 
_pdbx_struct_assembly_gen.asym_id_list      A,B,C 
# 
loop_
_pdbx_struct_oper_list.id 
_pdbx_struct_oper_list.type 
_pdbx_struct_oper_list.name 
_pdbx_struct_oper_list.symmetry_operation 
_pdbx_struct_oper_list.matrix[1][1] 
_pdbx_struct_oper_list.matrix[1][2] 
_pdbx_struct_oper_list.matrix[1][3] 
_pdbx_struct_oper_list.vector[1] 
_pdbx_struct_oper_list.matrix[2][1] 
_pdbx_struct_oper_list.matrix[2][2] 
_pdbx_struct_oper_list.matrix[2][3] 
_pdbx_struct_oper_list.vector[2] 
_pdbx_struct_oper_list.matrix[3][1] 
_pdbx_struct_oper_list.matrix[3][2] 
_pdbx_struct_oper_list.matrix[3][3] 
_pdbx_struct_oper_list.vector[3] 
1 'identity operation'         1_555 x,y,z     1.0000000000  0.0000000000 0.0000000000  0.0000000000 0.0000000000 1.0000000000  0.0000000000  0.0000000000 0.0000000000  0.0000000000  1.0000000000 0.0000000000 
2 'crystal symmetry operation' 4_545 -x,-y-1,z -0.8310157843 0.3010266392 -0.4677560569 1.0469577896 0.3010266392 -0.4637544273 -0.8332555392 4.6262851674 -0.4677560569 -0.8332555392 0.2947702115 3.3554977944 
# 
loop_
_pdbx_struct_conn_angle.id 
_pdbx_struct_conn_angle.ptnr1_label_atom_id 
_pdbx_struct_conn_angle.ptnr1_label_alt_id 
_pdbx_struct_conn_angle.ptnr1_label_asym_id 
_pdbx_struct_conn_angle.ptnr1_label_comp_id 
_pdbx_struct_conn_angle.ptnr1_label_seq_id 
_pdbx_struct_conn_angle.ptnr1_auth_atom_id 
_pdbx_struct_conn_angle.ptnr1_auth_asym_id 
_pdbx_struct_conn_angle.ptnr1_auth_comp_id 
_pdbx_struct_conn_angle.ptnr1_auth_seq_id 
_pdbx_struct_conn_angle.ptnr1_PDB_ins_code 
_pdbx_struct_conn_angle.ptnr1_symmetry 
_pdbx_struct_conn_angle.ptnr2_label_atom_id 
_pdbx_struct_conn_angle.ptnr2_label_alt_id 
_pdbx_struct_conn_angle.ptnr2_label_asym_id 
_pdbx_struct_conn_angle.ptnr2_label_comp_id 
_pdbx_struct_conn_angle.ptnr2_label_seq_id 
_pdbx_struct_conn_angle.ptnr2_auth_atom_id 
_pdbx_struct_conn_angle.ptnr2_auth_asym_id 
_pdbx_struct_conn_angle.ptnr2_auth_comp_id 
_pdbx_struct_conn_angle.ptnr2_auth_seq_id 
_pdbx_struct_conn_angle.ptnr2_PDB_ins_code 
_pdbx_struct_conn_angle.ptnr2_symmetry 
_pdbx_struct_conn_angle.ptnr3_label_atom_id 
_pdbx_struct_conn_angle.ptnr3_label_alt_id 
_pdbx_struct_conn_angle.ptnr3_label_asym_id 
_pdbx_struct_conn_angle.ptnr3_label_comp_id 
_pdbx_struct_conn_angle.ptnr3_label_seq_id 
_pdbx_struct_conn_angle.ptnr3_auth_atom_id 
_pdbx_struct_conn_angle.ptnr3_auth_asym_id 
_pdbx_struct_conn_angle.ptnr3_auth_comp_id 
_pdbx_struct_conn_angle.ptnr3_auth_seq_id 
_pdbx_struct_conn_angle.ptnr3_PDB_ins_code 
_pdbx_struct_conn_angle.ptnr3_symmetry 
_pdbx_struct_conn_angle.value 
_pdbx_struct_conn_angle.value_esd 
1 O ? C HOH . ? A HOH 201 ? 1_555 MG ? B MG . ? A MG 101 ? 1_555 O ? C HOH . ? A HOH 202 ? 1_555 73.8  ? 
2 O ? C HOH . ? A HOH 201 ? 1_555 MG ? B MG . ? A MG 101 ? 1_555 O ? C HOH . ? A HOH 203 ? 1_555 88.0  ? 
3 O ? C HOH . ? A HOH 202 ? 1_555 MG ? B MG . ? A MG 101 ? 1_555 O ? C HOH . ? A HOH 203 ? 1_555 107.7 ? 
4 O ? C HOH . ? A HOH 201 ? 1_555 MG ? B MG . ? A MG 101 ? 1_555 O ? C HOH . ? A HOH 204 ? 1_555 114.6 ? 
5 O ? C HOH . ? A HOH 202 ? 1_555 MG ? B MG . ? A MG 101 ? 1_555 O ? C HOH . ? A HOH 204 ? 1_555 63.8  ? 
6 O ? C HOH . ? A HOH 203 ? 1_555 MG ? B MG . ? A MG 101 ? 1_555 O ? C HOH . ? A HOH 204 ? 1_555 149.9 ? 
# 
loop_
_pdbx_audit_revision_history.ordinal 
_pdbx_audit_revision_history.data_content_type 
_pdbx_audit_revision_history.major_revision 
_pdbx_audit_revision_history.minor_revision 
_pdbx_audit_revision_history.revision_date 
1 'Structure model' 1 0 2015-06-17 
2 'Structure model' 1 1 2015-09-09 
3 'Structure model' 1 2 2023-09-20 
# 
_pdbx_audit_revision_details.ordinal             1 
_pdbx_audit_revision_details.revision_ordinal    1 
_pdbx_audit_revision_details.data_content_type   'Structure model' 
_pdbx_audit_revision_details.provider            repository 
_pdbx_audit_revision_details.type                'Initial release' 
_pdbx_audit_revision_details.description         ? 
_pdbx_audit_revision_details.details             ? 
# 
loop_
_pdbx_audit_revision_group.ordinal 
_pdbx_audit_revision_group.revision_ordinal 
_pdbx_audit_revision_group.data_content_type 
_pdbx_audit_revision_group.group 
1 2 'Structure model' 'Database references'    
2 3 'Structure model' 'Data collection'        
3 3 'Structure model' 'Database references'    
4 3 'Structure model' 'Derived calculations'   
5 3 'Structure model' 'Refinement description' 
# 
loop_
_pdbx_audit_revision_category.ordinal 
_pdbx_audit_revision_category.revision_ordinal 
_pdbx_audit_revision_category.data_content_type 
_pdbx_audit_revision_category.category 
1 3 'Structure model' chem_comp_atom                
2 3 'Structure model' chem_comp_bond                
3 3 'Structure model' database_2                    
4 3 'Structure model' pdbx_initial_refinement_model 
5 3 'Structure model' pdbx_struct_conn_angle        
6 3 'Structure model' struct_conn                   
7 3 'Structure model' struct_site                   
# 
loop_
_pdbx_audit_revision_item.ordinal 
_pdbx_audit_revision_item.revision_ordinal 
_pdbx_audit_revision_item.data_content_type 
_pdbx_audit_revision_item.item 
1  3 'Structure model' '_database_2.pdbx_DOI'                      
2  3 'Structure model' '_database_2.pdbx_database_accession'       
3  3 'Structure model' '_pdbx_struct_conn_angle.ptnr1_auth_seq_id' 
4  3 'Structure model' '_pdbx_struct_conn_angle.ptnr3_auth_seq_id' 
5  3 'Structure model' '_pdbx_struct_conn_angle.value'             
6  3 'Structure model' '_struct_conn.pdbx_dist_value'              
7  3 'Structure model' '_struct_conn.ptnr2_auth_seq_id'            
8  3 'Structure model' '_struct_site.pdbx_auth_asym_id'            
9  3 'Structure model' '_struct_site.pdbx_auth_comp_id'            
10 3 'Structure model' '_struct_site.pdbx_auth_seq_id'             
# 
_pdbx_refine_tls.pdbx_refine_id   'X-RAY DIFFRACTION' 
_pdbx_refine_tls.id               1 
_pdbx_refine_tls.details          ? 
_pdbx_refine_tls.method           refined 
_pdbx_refine_tls.origin_x         -0.0923 
_pdbx_refine_tls.origin_y         -0.0355 
_pdbx_refine_tls.origin_z         0.1959 
_pdbx_refine_tls.T[1][1]          0.4351 
_pdbx_refine_tls.T[2][2]          0.3036 
_pdbx_refine_tls.T[3][3]          0.3468 
_pdbx_refine_tls.T[1][2]          0.0664 
_pdbx_refine_tls.T[1][3]          0.0842 
_pdbx_refine_tls.T[2][3]          -0.0523 
_pdbx_refine_tls.L[1][1]          2.1216 
_pdbx_refine_tls.L[2][2]          13.9809 
_pdbx_refine_tls.L[3][3]          7.9032 
_pdbx_refine_tls.L[1][2]          2.9266 
_pdbx_refine_tls.L[1][3]          0.0671 
_pdbx_refine_tls.L[2][3]          -4.3076 
_pdbx_refine_tls.S[1][1]          0.4201 
_pdbx_refine_tls.S[1][2]          0.0436 
_pdbx_refine_tls.S[1][3]          0.2096 
_pdbx_refine_tls.S[2][1]          1.7502 
_pdbx_refine_tls.S[2][2]          -0.3813 
_pdbx_refine_tls.S[2][3]          -0.1675 
_pdbx_refine_tls.S[3][1]          0.1576 
_pdbx_refine_tls.S[3][2]          0.1222 
_pdbx_refine_tls.S[3][3]          -0.0388 
# 
_pdbx_refine_tls_group.pdbx_refine_id      'X-RAY DIFFRACTION' 
_pdbx_refine_tls_group.id                  1 
_pdbx_refine_tls_group.refine_tls_id       1 
_pdbx_refine_tls_group.beg_auth_asym_id    A 
_pdbx_refine_tls_group.beg_auth_seq_id     1 
_pdbx_refine_tls_group.beg_label_asym_id   ? 
_pdbx_refine_tls_group.beg_label_seq_id    ? 
_pdbx_refine_tls_group.end_auth_asym_id    A 
_pdbx_refine_tls_group.end_auth_seq_id     13 
_pdbx_refine_tls_group.end_label_asym_id   ? 
_pdbx_refine_tls_group.end_label_seq_id    ? 
_pdbx_refine_tls_group.selection           ? 
_pdbx_refine_tls_group.selection_details   ? 
# 
_software.name             REFMAC 
_software.classification   refinement 
_software.version          5.8.0073 
_software.citation_id      ? 
_software.pdbx_ordinal     1 
# 
loop_
_pdbx_unobs_or_zero_occ_atoms.id 
_pdbx_unobs_or_zero_occ_atoms.PDB_model_num 
_pdbx_unobs_or_zero_occ_atoms.polymer_flag 
_pdbx_unobs_or_zero_occ_atoms.occupancy_flag 
_pdbx_unobs_or_zero_occ_atoms.auth_asym_id 
_pdbx_unobs_or_zero_occ_atoms.auth_comp_id 
_pdbx_unobs_or_zero_occ_atoms.auth_seq_id 
_pdbx_unobs_or_zero_occ_atoms.PDB_ins_code 
_pdbx_unobs_or_zero_occ_atoms.auth_atom_id 
_pdbx_unobs_or_zero_occ_atoms.label_alt_id 
_pdbx_unobs_or_zero_occ_atoms.label_asym_id 
_pdbx_unobs_or_zero_occ_atoms.label_comp_id 
_pdbx_unobs_or_zero_occ_atoms.label_seq_id 
_pdbx_unobs_or_zero_occ_atoms.label_atom_id 
1  1 Y 1 A DG 13 ? "C5'" ? A DG 13 "C5'" 
2  1 Y 1 A DG 13 ? "C4'" ? A DG 13 "C4'" 
3  1 Y 1 A DG 13 ? "O4'" ? A DG 13 "O4'" 
4  1 Y 1 A DG 13 ? "C3'" ? A DG 13 "C3'" 
5  1 Y 1 A DG 13 ? "O3'" ? A DG 13 "O3'" 
6  1 Y 1 A DG 13 ? "C2'" ? A DG 13 "C2'" 
7  1 Y 1 A DG 13 ? "C1'" ? A DG 13 "C1'" 
8  1 Y 1 A DG 13 ? N9    ? A DG 13 N9    
9  1 Y 1 A DG 13 ? C8    ? A DG 13 C8    
10 1 Y 1 A DG 13 ? N7    ? A DG 13 N7    
11 1 Y 1 A DG 13 ? C5    ? A DG 13 C5    
12 1 Y 1 A DG 13 ? C6    ? A DG 13 C6    
13 1 Y 1 A DG 13 ? O6    ? A DG 13 O6    
14 1 Y 1 A DG 13 ? N1    ? A DG 13 N1    
15 1 Y 1 A DG 13 ? C2    ? A DG 13 C2    
16 1 Y 1 A DG 13 ? N2    ? A DG 13 N2    
17 1 Y 1 A DG 13 ? N3    ? A DG 13 N3    
18 1 Y 1 A DG 13 ? C4    ? A DG 13 C4    
# 
loop_
_chem_comp_atom.comp_id 
_chem_comp_atom.atom_id 
_chem_comp_atom.type_symbol 
_chem_comp_atom.pdbx_aromatic_flag 
_chem_comp_atom.pdbx_stereo_config 
_chem_comp_atom.pdbx_ordinal 
DA  OP3    O  N N 1   
DA  P      P  N N 2   
DA  OP1    O  N N 3   
DA  OP2    O  N N 4   
DA  "O5'"  O  N N 5   
DA  "C5'"  C  N N 6   
DA  "C4'"  C  N R 7   
DA  "O4'"  O  N N 8   
DA  "C3'"  C  N S 9   
DA  "O3'"  O  N N 10  
DA  "C2'"  C  N N 11  
DA  "C1'"  C  N R 12  
DA  N9     N  Y N 13  
DA  C8     C  Y N 14  
DA  N7     N  Y N 15  
DA  C5     C  Y N 16  
DA  C6     C  Y N 17  
DA  N6     N  N N 18  
DA  N1     N  Y N 19  
DA  C2     C  Y N 20  
DA  N3     N  Y N 21  
DA  C4     C  Y N 22  
DA  HOP3   H  N N 23  
DA  HOP2   H  N N 24  
DA  "H5'"  H  N N 25  
DA  "H5''" H  N N 26  
DA  "H4'"  H  N N 27  
DA  "H3'"  H  N N 28  
DA  "HO3'" H  N N 29  
DA  "H2'"  H  N N 30  
DA  "H2''" H  N N 31  
DA  "H1'"  H  N N 32  
DA  H8     H  N N 33  
DA  H61    H  N N 34  
DA  H62    H  N N 35  
DA  H2     H  N N 36  
DC  OP3    O  N N 37  
DC  P      P  N N 38  
DC  OP1    O  N N 39  
DC  OP2    O  N N 40  
DC  "O5'"  O  N N 41  
DC  "C5'"  C  N N 42  
DC  "C4'"  C  N R 43  
DC  "O4'"  O  N N 44  
DC  "C3'"  C  N S 45  
DC  "O3'"  O  N N 46  
DC  "C2'"  C  N N 47  
DC  "C1'"  C  N R 48  
DC  N1     N  N N 49  
DC  C2     C  N N 50  
DC  O2     O  N N 51  
DC  N3     N  N N 52  
DC  C4     C  N N 53  
DC  N4     N  N N 54  
DC  C5     C  N N 55  
DC  C6     C  N N 56  
DC  HOP3   H  N N 57  
DC  HOP2   H  N N 58  
DC  "H5'"  H  N N 59  
DC  "H5''" H  N N 60  
DC  "H4'"  H  N N 61  
DC  "H3'"  H  N N 62  
DC  "HO3'" H  N N 63  
DC  "H2'"  H  N N 64  
DC  "H2''" H  N N 65  
DC  "H1'"  H  N N 66  
DC  H41    H  N N 67  
DC  H42    H  N N 68  
DC  H5     H  N N 69  
DC  H6     H  N N 70  
DG  OP3    O  N N 71  
DG  P      P  N N 72  
DG  OP1    O  N N 73  
DG  OP2    O  N N 74  
DG  "O5'"  O  N N 75  
DG  "C5'"  C  N N 76  
DG  "C4'"  C  N R 77  
DG  "O4'"  O  N N 78  
DG  "C3'"  C  N S 79  
DG  "O3'"  O  N N 80  
DG  "C2'"  C  N N 81  
DG  "C1'"  C  N R 82  
DG  N9     N  Y N 83  
DG  C8     C  Y N 84  
DG  N7     N  Y N 85  
DG  C5     C  Y N 86  
DG  C6     C  N N 87  
DG  O6     O  N N 88  
DG  N1     N  N N 89  
DG  C2     C  N N 90  
DG  N2     N  N N 91  
DG  N3     N  N N 92  
DG  C4     C  Y N 93  
DG  HOP3   H  N N 94  
DG  HOP2   H  N N 95  
DG  "H5'"  H  N N 96  
DG  "H5''" H  N N 97  
DG  "H4'"  H  N N 98  
DG  "H3'"  H  N N 99  
DG  "HO3'" H  N N 100 
DG  "H2'"  H  N N 101 
DG  "H2''" H  N N 102 
DG  "H1'"  H  N N 103 
DG  H8     H  N N 104 
DG  H1     H  N N 105 
DG  H21    H  N N 106 
DG  H22    H  N N 107 
DT  OP3    O  N N 108 
DT  P      P  N N 109 
DT  OP1    O  N N 110 
DT  OP2    O  N N 111 
DT  "O5'"  O  N N 112 
DT  "C5'"  C  N N 113 
DT  "C4'"  C  N R 114 
DT  "O4'"  O  N N 115 
DT  "C3'"  C  N S 116 
DT  "O3'"  O  N N 117 
DT  "C2'"  C  N N 118 
DT  "C1'"  C  N R 119 
DT  N1     N  N N 120 
DT  C2     C  N N 121 
DT  O2     O  N N 122 
DT  N3     N  N N 123 
DT  C4     C  N N 124 
DT  O4     O  N N 125 
DT  C5     C  N N 126 
DT  C7     C  N N 127 
DT  C6     C  N N 128 
DT  HOP3   H  N N 129 
DT  HOP2   H  N N 130 
DT  "H5'"  H  N N 131 
DT  "H5''" H  N N 132 
DT  "H4'"  H  N N 133 
DT  "H3'"  H  N N 134 
DT  "HO3'" H  N N 135 
DT  "H2'"  H  N N 136 
DT  "H2''" H  N N 137 
DT  "H1'"  H  N N 138 
DT  H3     H  N N 139 
DT  H71    H  N N 140 
DT  H72    H  N N 141 
DT  H73    H  N N 142 
DT  H6     H  N N 143 
HOH O      O  N N 144 
HOH H1     H  N N 145 
HOH H2     H  N N 146 
MG  MG     MG N N 147 
# 
loop_
_chem_comp_bond.comp_id 
_chem_comp_bond.atom_id_1 
_chem_comp_bond.atom_id_2 
_chem_comp_bond.value_order 
_chem_comp_bond.pdbx_aromatic_flag 
_chem_comp_bond.pdbx_stereo_config 
_chem_comp_bond.pdbx_ordinal 
DA  OP3   P      sing N N 1   
DA  OP3   HOP3   sing N N 2   
DA  P     OP1    doub N N 3   
DA  P     OP2    sing N N 4   
DA  P     "O5'"  sing N N 5   
DA  OP2   HOP2   sing N N 6   
DA  "O5'" "C5'"  sing N N 7   
DA  "C5'" "C4'"  sing N N 8   
DA  "C5'" "H5'"  sing N N 9   
DA  "C5'" "H5''" sing N N 10  
DA  "C4'" "O4'"  sing N N 11  
DA  "C4'" "C3'"  sing N N 12  
DA  "C4'" "H4'"  sing N N 13  
DA  "O4'" "C1'"  sing N N 14  
DA  "C3'" "O3'"  sing N N 15  
DA  "C3'" "C2'"  sing N N 16  
DA  "C3'" "H3'"  sing N N 17  
DA  "O3'" "HO3'" sing N N 18  
DA  "C2'" "C1'"  sing N N 19  
DA  "C2'" "H2'"  sing N N 20  
DA  "C2'" "H2''" sing N N 21  
DA  "C1'" N9     sing N N 22  
DA  "C1'" "H1'"  sing N N 23  
DA  N9    C8     sing Y N 24  
DA  N9    C4     sing Y N 25  
DA  C8    N7     doub Y N 26  
DA  C8    H8     sing N N 27  
DA  N7    C5     sing Y N 28  
DA  C5    C6     sing Y N 29  
DA  C5    C4     doub Y N 30  
DA  C6    N6     sing N N 31  
DA  C6    N1     doub Y N 32  
DA  N6    H61    sing N N 33  
DA  N6    H62    sing N N 34  
DA  N1    C2     sing Y N 35  
DA  C2    N3     doub Y N 36  
DA  C2    H2     sing N N 37  
DA  N3    C4     sing Y N 38  
DC  OP3   P      sing N N 39  
DC  OP3   HOP3   sing N N 40  
DC  P     OP1    doub N N 41  
DC  P     OP2    sing N N 42  
DC  P     "O5'"  sing N N 43  
DC  OP2   HOP2   sing N N 44  
DC  "O5'" "C5'"  sing N N 45  
DC  "C5'" "C4'"  sing N N 46  
DC  "C5'" "H5'"  sing N N 47  
DC  "C5'" "H5''" sing N N 48  
DC  "C4'" "O4'"  sing N N 49  
DC  "C4'" "C3'"  sing N N 50  
DC  "C4'" "H4'"  sing N N 51  
DC  "O4'" "C1'"  sing N N 52  
DC  "C3'" "O3'"  sing N N 53  
DC  "C3'" "C2'"  sing N N 54  
DC  "C3'" "H3'"  sing N N 55  
DC  "O3'" "HO3'" sing N N 56  
DC  "C2'" "C1'"  sing N N 57  
DC  "C2'" "H2'"  sing N N 58  
DC  "C2'" "H2''" sing N N 59  
DC  "C1'" N1     sing N N 60  
DC  "C1'" "H1'"  sing N N 61  
DC  N1    C2     sing N N 62  
DC  N1    C6     sing N N 63  
DC  C2    O2     doub N N 64  
DC  C2    N3     sing N N 65  
DC  N3    C4     doub N N 66  
DC  C4    N4     sing N N 67  
DC  C4    C5     sing N N 68  
DC  N4    H41    sing N N 69  
DC  N4    H42    sing N N 70  
DC  C5    C6     doub N N 71  
DC  C5    H5     sing N N 72  
DC  C6    H6     sing N N 73  
DG  OP3   P      sing N N 74  
DG  OP3   HOP3   sing N N 75  
DG  P     OP1    doub N N 76  
DG  P     OP2    sing N N 77  
DG  P     "O5'"  sing N N 78  
DG  OP2   HOP2   sing N N 79  
DG  "O5'" "C5'"  sing N N 80  
DG  "C5'" "C4'"  sing N N 81  
DG  "C5'" "H5'"  sing N N 82  
DG  "C5'" "H5''" sing N N 83  
DG  "C4'" "O4'"  sing N N 84  
DG  "C4'" "C3'"  sing N N 85  
DG  "C4'" "H4'"  sing N N 86  
DG  "O4'" "C1'"  sing N N 87  
DG  "C3'" "O3'"  sing N N 88  
DG  "C3'" "C2'"  sing N N 89  
DG  "C3'" "H3'"  sing N N 90  
DG  "O3'" "HO3'" sing N N 91  
DG  "C2'" "C1'"  sing N N 92  
DG  "C2'" "H2'"  sing N N 93  
DG  "C2'" "H2''" sing N N 94  
DG  "C1'" N9     sing N N 95  
DG  "C1'" "H1'"  sing N N 96  
DG  N9    C8     sing Y N 97  
DG  N9    C4     sing Y N 98  
DG  C8    N7     doub Y N 99  
DG  C8    H8     sing N N 100 
DG  N7    C5     sing Y N 101 
DG  C5    C6     sing N N 102 
DG  C5    C4     doub Y N 103 
DG  C6    O6     doub N N 104 
DG  C6    N1     sing N N 105 
DG  N1    C2     sing N N 106 
DG  N1    H1     sing N N 107 
DG  C2    N2     sing N N 108 
DG  C2    N3     doub N N 109 
DG  N2    H21    sing N N 110 
DG  N2    H22    sing N N 111 
DG  N3    C4     sing N N 112 
DT  OP3   P      sing N N 113 
DT  OP3   HOP3   sing N N 114 
DT  P     OP1    doub N N 115 
DT  P     OP2    sing N N 116 
DT  P     "O5'"  sing N N 117 
DT  OP2   HOP2   sing N N 118 
DT  "O5'" "C5'"  sing N N 119 
DT  "C5'" "C4'"  sing N N 120 
DT  "C5'" "H5'"  sing N N 121 
DT  "C5'" "H5''" sing N N 122 
DT  "C4'" "O4'"  sing N N 123 
DT  "C4'" "C3'"  sing N N 124 
DT  "C4'" "H4'"  sing N N 125 
DT  "O4'" "C1'"  sing N N 126 
DT  "C3'" "O3'"  sing N N 127 
DT  "C3'" "C2'"  sing N N 128 
DT  "C3'" "H3'"  sing N N 129 
DT  "O3'" "HO3'" sing N N 130 
DT  "C2'" "C1'"  sing N N 131 
DT  "C2'" "H2'"  sing N N 132 
DT  "C2'" "H2''" sing N N 133 
DT  "C1'" N1     sing N N 134 
DT  "C1'" "H1'"  sing N N 135 
DT  N1    C2     sing N N 136 
DT  N1    C6     sing N N 137 
DT  C2    O2     doub N N 138 
DT  C2    N3     sing N N 139 
DT  N3    C4     sing N N 140 
DT  N3    H3     sing N N 141 
DT  C4    O4     doub N N 142 
DT  C4    C5     sing N N 143 
DT  C5    C7     sing N N 144 
DT  C5    C6     doub N N 145 
DT  C7    H71    sing N N 146 
DT  C7    H72    sing N N 147 
DT  C7    H73    sing N N 148 
DT  C6    H6     sing N N 149 
HOH O     H1     sing N N 150 
HOH O     H2     sing N N 151 
# 
loop_
_ndb_struct_conf_na.entry_id 
_ndb_struct_conf_na.feature 
4RO8 'double helix'         
4RO8 'parallel strands'     
4RO8 'mismatched base pair' 
# 
loop_
_ndb_struct_na_base_pair.model_number 
_ndb_struct_na_base_pair.i_label_asym_id 
_ndb_struct_na_base_pair.i_label_comp_id 
_ndb_struct_na_base_pair.i_label_seq_id 
_ndb_struct_na_base_pair.i_symmetry 
_ndb_struct_na_base_pair.j_label_asym_id 
_ndb_struct_na_base_pair.j_label_comp_id 
_ndb_struct_na_base_pair.j_label_seq_id 
_ndb_struct_na_base_pair.j_symmetry 
_ndb_struct_na_base_pair.shear 
_ndb_struct_na_base_pair.stretch 
_ndb_struct_na_base_pair.stagger 
_ndb_struct_na_base_pair.buckle 
_ndb_struct_na_base_pair.propeller 
_ndb_struct_na_base_pair.opening 
_ndb_struct_na_base_pair.pair_number 
_ndb_struct_na_base_pair.pair_name 
_ndb_struct_na_base_pair.i_auth_asym_id 
_ndb_struct_na_base_pair.i_auth_seq_id 
_ndb_struct_na_base_pair.i_PDB_ins_code 
_ndb_struct_na_base_pair.j_auth_asym_id 
_ndb_struct_na_base_pair.j_auth_seq_id 
_ndb_struct_na_base_pair.j_PDB_ins_code 
_ndb_struct_na_base_pair.hbond_type_28 
_ndb_struct_na_base_pair.hbond_type_12 
1 A DG 1 1_555 A DG 10 5_555 -5.883 -0.922 -0.422 -2.594 -9.257 -112.827 1 A_DG1:DG10_A A 1 ? A 10 ? 7 4  
1 A DG 2 1_555 A DG 11 5_555 3.022  8.121  -0.561 2.139  27.401 173.403  2 A_DG2:DG11_A A 2 ? A 11 ? 4 12 
1 A DA 3 1_555 A DA 12 5_555 -5.726 5.134  0.392  -9.341 33.445 -179.738 3 A_DA3:DA12_A A 3 ? A 12 ? 2 7  
# 
loop_
_ndb_struct_na_base_pair_step.model_number 
_ndb_struct_na_base_pair_step.i_label_asym_id_1 
_ndb_struct_na_base_pair_step.i_label_comp_id_1 
_ndb_struct_na_base_pair_step.i_label_seq_id_1 
_ndb_struct_na_base_pair_step.i_symmetry_1 
_ndb_struct_na_base_pair_step.j_label_asym_id_1 
_ndb_struct_na_base_pair_step.j_label_comp_id_1 
_ndb_struct_na_base_pair_step.j_label_seq_id_1 
_ndb_struct_na_base_pair_step.j_symmetry_1 
_ndb_struct_na_base_pair_step.i_label_asym_id_2 
_ndb_struct_na_base_pair_step.i_label_comp_id_2 
_ndb_struct_na_base_pair_step.i_label_seq_id_2 
_ndb_struct_na_base_pair_step.i_symmetry_2 
_ndb_struct_na_base_pair_step.j_label_asym_id_2 
_ndb_struct_na_base_pair_step.j_label_comp_id_2 
_ndb_struct_na_base_pair_step.j_label_seq_id_2 
_ndb_struct_na_base_pair_step.j_symmetry_2 
_ndb_struct_na_base_pair_step.shift 
_ndb_struct_na_base_pair_step.slide 
_ndb_struct_na_base_pair_step.rise 
_ndb_struct_na_base_pair_step.tilt 
_ndb_struct_na_base_pair_step.roll 
_ndb_struct_na_base_pair_step.twist 
_ndb_struct_na_base_pair_step.x_displacement 
_ndb_struct_na_base_pair_step.y_displacement 
_ndb_struct_na_base_pair_step.helical_rise 
_ndb_struct_na_base_pair_step.inclination 
_ndb_struct_na_base_pair_step.tip 
_ndb_struct_na_base_pair_step.helical_twist 
_ndb_struct_na_base_pair_step.step_number 
_ndb_struct_na_base_pair_step.step_name 
_ndb_struct_na_base_pair_step.i_auth_asym_id_1 
_ndb_struct_na_base_pair_step.i_auth_seq_id_1 
_ndb_struct_na_base_pair_step.i_PDB_ins_code_1 
_ndb_struct_na_base_pair_step.j_auth_asym_id_1 
_ndb_struct_na_base_pair_step.j_auth_seq_id_1 
_ndb_struct_na_base_pair_step.j_PDB_ins_code_1 
_ndb_struct_na_base_pair_step.i_auth_asym_id_2 
_ndb_struct_na_base_pair_step.i_auth_seq_id_2 
_ndb_struct_na_base_pair_step.i_PDB_ins_code_2 
_ndb_struct_na_base_pair_step.j_auth_asym_id_2 
_ndb_struct_na_base_pair_step.j_auth_seq_id_2 
_ndb_struct_na_base_pair_step.j_PDB_ins_code_2 
1 A DG 1 1_555 A DG 10 5_555 A DG 2 1_555 A DG 11 5_555 3.795 0.454 2.921 -113.955 131.517 -31.685 -1.879 0.468  2.859 -67.401 
-58.401 -174.246 1 AA_DG1DG2:DG11DG10_AA A 1 ? A 10 ? A 2 ? A 11 ? 
1 A DG 2 1_555 A DG 11 5_555 A DA 3 1_555 A DA 12 5_555 0.180 0.309 4.589 0.546    -1.139  172.460 0.156  -0.090 4.589 -0.571  
-0.274  172.460  2 AA_DG2DA3:DA12DG11_AA A 2 ? A 11 ? A 3 ? A 12 ? 
# 
loop_
_pdbx_entity_nonpoly.entity_id 
_pdbx_entity_nonpoly.name 
_pdbx_entity_nonpoly.comp_id 
2 'MAGNESIUM ION' MG  
3 water           HOH 
# 
_pdbx_initial_refinement_model.id               1 
_pdbx_initial_refinement_model.entity_id_list   ? 
_pdbx_initial_refinement_model.type             'experimental model' 
_pdbx_initial_refinement_model.source_name      PDB 
_pdbx_initial_refinement_model.accession_code   1P1Y 
_pdbx_initial_refinement_model.details          'PDB ENTRY 1P1Y' 
# 
